data_4MWS
#
_entry.id   4MWS
#
_cell.length_a   134.889
_cell.length_b   134.889
_cell.length_c   99.805
_cell.angle_alpha   90.00
_cell.angle_beta   90.00
_cell.angle_gamma   120.00
#
_symmetry.space_group_name_H-M   'P 31 2 1'
#
loop_
_entity.id
_entity.type
_entity.pdbx_description
1 polymer 'Lysosomal protective protein'
2 branched alpha-D-mannopyranose-(1-3)-beta-D-mannopyranose-(1-4)-2-acetamido-2-deoxy-beta-D-glucopyranose-(1-4)-[alpha-L-fucopyranose-(1-3)]2-acetamido-2-deoxy-beta-D-glucopyranose
3 branched beta-D-mannopyranose-(1-4)-2-acetamido-2-deoxy-beta-D-glucopyranose-(1-4)-[alpha-L-fucopyranose-(1-3)]2-acetamido-2-deoxy-beta-D-glucopyranose
4 non-polymer 2-acetamido-2-deoxy-beta-D-glucopyranose
5 non-polymer GLYCEROL
6 water water
#
_entity_poly.entity_id   1
_entity_poly.type   'polypeptide(L)'
_entity_poly.pdbx_seq_one_letter_code
;APDQDEIQRLPGLAKQPSFRQYSGYLKGSGSKHLHYWFVESQKDPENSPVVLWLNGGPGCSSLDGLLTEHGPFLVQPDGV
TLEYNPYSWNLIANVLYLESPAGVGFSYSDDKFYATNDTEVAQSNFEALQDFFRLFPEYKNNKLFLTGESYAGIYIPTLA
VLVMQDPSMNLQGLAVGNGLSSYEQNDNSLVYFAYYHGLLGNRLWSSLQTHCCSQNKCNFYDNKDLECVTNLQEVARIVG
NSGLNIYNLYAPCAGGVPSHFRSGDKVRMDPPCTNTTAASTYLNNPYVRKALNIPEQLPQWDMCNFLVNLQYRRLYRSMN
SQYLKLLSSQKYQILLYNGDVDMACNFMGDEWFVDSLNQKMEVQRRPWLVKYGDSGEQIAGFVKEFSHIAFLTIKGAGHM
VPTDKPLAAFTMFSRFLNKQPYHHHHHH
;
_entity_poly.pdbx_strand_id   A,B
#
# COMPACT_ATOMS: atom_id res chain seq x y z
N ALA A 1 -14.18 34.30 25.83
CA ALA A 1 -14.60 34.06 24.43
C ALA A 1 -15.12 35.34 23.76
N PRO A 2 -14.56 35.71 22.59
CA PRO A 2 -15.04 36.86 21.82
C PRO A 2 -16.33 36.50 21.11
N ASP A 3 -17.43 37.07 21.59
CA ASP A 3 -18.76 36.66 21.18
C ASP A 3 -18.99 36.90 19.69
N GLN A 4 -18.45 38.03 19.20
CA GLN A 4 -18.62 38.45 17.81
C GLN A 4 -17.97 37.46 16.84
N ASP A 5 -16.95 36.76 17.29
CA ASP A 5 -16.32 35.71 16.50
C ASP A 5 -17.11 34.39 16.48
N GLU A 6 -18.14 34.26 17.33
CA GLU A 6 -18.91 33.01 17.36
C GLU A 6 -19.49 32.75 16.00
N ILE A 7 -19.48 31.49 15.59
CA ILE A 7 -20.03 31.05 14.32
C ILE A 7 -21.47 30.61 14.54
N GLN A 8 -22.41 31.28 13.89
CA GLN A 8 -23.81 31.07 14.18
C GLN A 8 -24.37 29.91 13.36
N ARG A 9 -24.69 30.15 12.10
CA ARG A 9 -25.22 29.11 11.24
C ARG A 9 -24.27 28.87 10.10
N LEU A 10 -23.70 27.67 10.05
CA LEU A 10 -22.71 27.36 9.05
C LEU A 10 -23.36 26.63 7.84
N PRO A 11 -23.35 27.26 6.66
CA PRO A 11 -23.94 26.66 5.46
C PRO A 11 -23.43 25.25 5.15
N GLY A 12 -24.34 24.33 4.87
CA GLY A 12 -23.96 22.96 4.48
C GLY A 12 -24.17 21.94 5.58
N LEU A 13 -24.59 22.41 6.76
CA LEU A 13 -25.01 21.54 7.83
C LEU A 13 -26.53 21.35 7.82
N ALA A 14 -26.98 20.11 7.85
CA ALA A 14 -28.38 19.81 8.05
C ALA A 14 -28.81 20.26 9.44
N LYS A 15 -28.11 19.80 10.47
CA LYS A 15 -28.43 20.17 11.85
C LYS A 15 -27.25 20.86 12.48
N GLN A 16 -27.53 21.89 13.27
CA GLN A 16 -26.50 22.71 13.87
C GLN A 16 -25.69 21.93 14.92
N PRO A 17 -24.42 22.30 15.12
CA PRO A 17 -23.52 21.66 16.09
C PRO A 17 -23.98 21.77 17.53
N SER A 18 -23.69 20.75 18.31
CA SER A 18 -23.97 20.78 19.75
C SER A 18 -22.91 21.56 20.53
N PHE A 19 -21.84 21.96 19.86
CA PHE A 19 -20.68 22.59 20.51
C PHE A 19 -20.51 23.99 19.96
N ARG A 20 -19.95 24.88 20.78
CA ARG A 20 -19.63 26.20 20.30
C ARG A 20 -18.36 26.16 19.42
N GLN A 21 -18.32 27.08 18.47
CA GLN A 21 -17.17 27.27 17.61
C GLN A 21 -17.07 28.72 17.21
N TYR A 22 -15.84 29.20 17.16
CA TYR A 22 -15.56 30.60 16.88
C TYR A 22 -14.64 30.70 15.68
N SER A 23 -14.78 31.78 14.91
CA SER A 23 -13.85 32.07 13.81
C SER A 23 -13.55 33.56 13.71
N GLY A 24 -12.25 33.90 13.77
CA GLY A 24 -11.80 35.30 13.72
C GLY A 24 -10.30 35.43 13.58
N TYR A 25 -9.72 36.49 14.17
CA TYR A 25 -8.32 36.85 13.93
C TYR A 25 -7.48 37.05 15.19
N LEU A 26 -6.29 36.45 15.18
CA LEU A 26 -5.32 36.60 16.26
C LEU A 26 -4.19 37.49 15.80
N LYS A 27 -3.74 38.37 16.69
CA LYS A 27 -2.64 39.27 16.38
C LYS A 27 -1.34 38.50 16.42
N GLY A 28 -0.52 38.63 15.38
CA GLY A 28 0.83 38.09 15.42
C GLY A 28 1.83 39.21 15.62
N SER A 29 3.03 39.07 15.06
CA SER A 29 4.01 40.15 15.11
C SER A 29 3.57 41.24 14.15
N GLY A 30 4.17 42.41 14.28
CA GLY A 30 3.94 43.54 13.37
C GLY A 30 2.46 43.73 13.11
N SER A 31 2.11 43.89 11.84
CA SER A 31 0.73 44.12 11.45
C SER A 31 0.10 42.88 10.84
N LYS A 32 0.50 41.71 11.32
CA LYS A 32 -0.03 40.44 10.79
C LYS A 32 -1.27 39.93 11.58
N HIS A 33 -2.25 39.38 10.87
CA HIS A 33 -3.50 38.93 11.46
C HIS A 33 -3.87 37.56 10.95
N LEU A 34 -3.81 36.56 11.83
CA LEU A 34 -3.97 35.16 11.45
C LEU A 34 -5.40 34.71 11.70
N HIS A 35 -6.01 34.11 10.68
CA HIS A 35 -7.36 33.60 10.83
C HIS A 35 -7.35 32.30 11.60
N TYR A 36 -8.25 32.19 12.57
CA TYR A 36 -8.38 30.97 13.37
C TYR A 36 -9.80 30.43 13.27
N TRP A 37 -9.92 29.13 13.52
CA TRP A 37 -11.21 28.45 13.62
C TRP A 37 -11.12 27.47 14.79
N PHE A 38 -11.86 27.76 15.85
CA PHE A 38 -11.76 27.06 17.13
C PHE A 38 -13.00 26.23 17.32
N VAL A 39 -12.85 24.92 17.44
CA VAL A 39 -14.01 24.04 17.69
C VAL A 39 -13.96 23.40 19.09
N GLU A 40 -14.94 23.78 19.93
CA GLU A 40 -14.94 23.34 21.31
C GLU A 40 -15.10 21.83 21.40
N SER A 41 -14.49 21.22 22.41
CA SER A 41 -14.64 19.78 22.62
C SER A 41 -16.11 19.44 22.67
N GLN A 42 -16.50 18.37 21.97
CA GLN A 42 -17.88 17.90 22.00
C GLN A 42 -18.25 17.34 23.38
N LYS A 43 -17.23 17.07 24.20
CA LYS A 43 -17.41 16.46 25.50
C LYS A 43 -16.62 17.28 26.54
N ASP A 44 -17.33 18.16 27.22
CA ASP A 44 -16.78 18.93 28.34
C ASP A 44 -15.58 19.81 27.98
N PRO A 45 -15.85 20.93 27.29
CA PRO A 45 -14.85 21.93 26.94
C PRO A 45 -13.96 22.34 28.11
N GLU A 46 -14.57 22.63 29.26
CA GLU A 46 -13.85 23.11 30.44
C GLU A 46 -12.77 22.15 30.99
N ASN A 47 -12.86 20.85 30.65
CA ASN A 47 -11.85 19.87 31.06
C ASN A 47 -11.25 19.09 29.90
N SER A 48 -11.60 19.43 28.67
CA SER A 48 -10.90 18.87 27.51
C SER A 48 -9.69 19.76 27.19
N PRO A 49 -8.56 19.16 26.73
CA PRO A 49 -7.39 19.97 26.40
C PRO A 49 -7.55 20.94 25.23
N VAL A 50 -6.51 21.74 25.04
CA VAL A 50 -6.45 22.71 23.96
C VAL A 50 -5.38 22.26 22.97
N VAL A 51 -5.82 21.97 21.75
CA VAL A 51 -4.95 21.48 20.70
C VAL A 51 -4.80 22.53 19.59
N LEU A 52 -3.56 22.89 19.29
CA LEU A 52 -3.27 23.73 18.12
C LEU A 52 -2.95 22.79 16.95
N TRP A 53 -3.59 22.98 15.81
CA TRP A 53 -3.26 22.18 14.64
C TRP A 53 -2.73 23.09 13.54
N LEU A 54 -1.53 22.80 13.04
CA LEU A 54 -0.95 23.56 11.94
C LEU A 54 -0.66 22.61 10.80
N ASN A 55 -1.21 22.90 9.64
CA ASN A 55 -0.75 22.28 8.42
C ASN A 55 0.54 22.95 7.97
N GLY A 56 1.26 22.30 7.08
CA GLY A 56 2.58 22.78 6.66
C GLY A 56 2.54 23.62 5.40
N GLY A 57 3.30 23.16 4.40
CA GLY A 57 3.37 23.82 3.10
C GLY A 57 4.82 23.94 2.68
N PRO A 58 5.48 25.04 3.05
CA PRO A 58 4.93 26.23 3.69
C PRO A 58 4.03 26.99 2.75
N GLY A 59 2.97 27.59 3.27
CA GLY A 59 2.04 28.32 2.44
C GLY A 59 0.68 27.71 2.41
N CYS A 60 0.52 26.51 2.98
CA CYS A 60 -0.77 25.80 2.96
C CYS A 60 -1.63 25.99 4.23
N SER A 61 -2.94 25.82 4.06
CA SER A 61 -3.91 26.20 5.07
C SER A 61 -4.22 25.09 6.04
N SER A 62 -4.38 25.47 7.32
CA SER A 62 -4.83 24.56 8.37
C SER A 62 -6.34 24.28 8.30
N LEU A 63 -7.06 24.95 7.41
CA LEU A 63 -8.47 24.63 7.22
C LEU A 63 -8.64 23.39 6.36
N ASP A 64 -7.61 23.02 5.61
CA ASP A 64 -7.55 21.68 4.99
C ASP A 64 -7.65 20.62 6.09
N GLY A 65 -6.87 20.81 7.17
CA GLY A 65 -6.93 19.92 8.31
C GLY A 65 -8.36 19.75 8.82
N LEU A 66 -9.01 20.87 9.07
CA LEU A 66 -10.38 20.85 9.55
C LEU A 66 -11.29 20.13 8.55
N LEU A 67 -11.30 20.61 7.31
CA LEU A 67 -12.34 20.24 6.34
C LEU A 67 -12.10 18.92 5.62
N THR A 68 -10.87 18.40 5.64
CA THR A 68 -10.57 17.16 4.94
C THR A 68 -9.86 16.09 5.77
N GLU A 69 -9.45 16.40 7.00
CA GLU A 69 -8.69 15.45 7.83
C GLU A 69 -9.39 15.03 9.14
N HIS A 70 -9.51 15.94 10.10
CA HIS A 70 -10.09 15.55 11.40
C HIS A 70 -10.97 16.61 12.09
N GLY A 71 -11.53 17.53 11.33
CA GLY A 71 -12.47 18.51 11.89
C GLY A 71 -13.77 17.79 12.21
N PRO A 72 -14.66 18.44 12.96
CA PRO A 72 -15.95 17.89 13.32
C PRO A 72 -16.82 17.57 12.09
N PHE A 73 -16.55 18.24 10.99
CA PHE A 73 -17.26 17.98 9.79
C PHE A 73 -16.34 18.13 8.60
N LEU A 74 -16.57 17.33 7.57
CA LEU A 74 -15.74 17.35 6.37
C LEU A 74 -16.56 17.76 5.16
N VAL A 75 -16.02 18.69 4.37
CA VAL A 75 -16.61 19.07 3.09
C VAL A 75 -16.69 17.87 2.16
N GLN A 76 -17.82 17.75 1.46
CA GLN A 76 -18.10 16.65 0.54
C GLN A 76 -17.82 17.09 -0.90
N PRO A 77 -17.77 16.15 -1.86
CA PRO A 77 -17.26 16.44 -3.21
C PRO A 77 -18.00 17.49 -4.01
N ASP A 78 -19.25 17.75 -3.65
CA ASP A 78 -20.05 18.82 -4.30
C ASP A 78 -19.62 20.24 -3.91
N GLY A 79 -18.71 20.36 -2.96
CA GLY A 79 -18.22 21.67 -2.51
C GLY A 79 -19.19 22.46 -1.66
N VAL A 80 -20.35 21.86 -1.36
CA VAL A 80 -21.49 22.56 -0.74
C VAL A 80 -21.91 21.95 0.59
N THR A 81 -21.96 20.62 0.63
CA THR A 81 -22.43 19.90 1.78
C THR A 81 -21.29 19.57 2.72
N LEU A 82 -21.54 19.76 4.01
CA LEU A 82 -20.65 19.31 5.07
C LEU A 82 -21.30 18.12 5.79
N GLU A 83 -20.54 17.06 6.03
CA GLU A 83 -21.03 15.92 6.80
C GLU A 83 -20.22 15.81 8.08
N TYR A 84 -20.89 15.47 9.18
CA TYR A 84 -20.23 15.35 10.46
C TYR A 84 -19.20 14.23 10.35
N ASN A 85 -18.17 14.31 11.18
CA ASN A 85 -17.07 13.38 11.17
C ASN A 85 -17.09 12.62 12.49
N PRO A 86 -17.41 11.32 12.45
CA PRO A 86 -17.49 10.51 13.68
C PRO A 86 -16.14 10.27 14.35
N TYR A 87 -15.06 10.50 13.61
CA TYR A 87 -13.69 10.34 14.12
C TYR A 87 -13.03 11.69 14.35
N SER A 88 -13.81 12.76 14.51
CA SER A 88 -13.22 14.10 14.69
C SER A 88 -12.44 14.26 15.97
N TRP A 89 -11.36 15.01 15.88
CA TRP A 89 -10.49 15.19 17.04
C TRP A 89 -11.13 16.06 18.11
N ASN A 90 -12.07 16.91 17.71
CA ASN A 90 -12.77 17.73 18.69
C ASN A 90 -13.85 16.94 19.45
N LEU A 91 -13.87 15.61 19.29
CA LEU A 91 -14.70 14.77 20.16
C LEU A 91 -14.20 14.86 21.59
N ILE A 92 -12.87 14.96 21.75
CA ILE A 92 -12.22 14.92 23.06
C ILE A 92 -11.22 16.06 23.25
N ALA A 93 -11.29 17.10 22.44
CA ALA A 93 -10.35 18.21 22.56
C ALA A 93 -10.90 19.51 21.99
N ASN A 94 -10.37 20.62 22.48
CA ASN A 94 -10.65 21.92 21.91
C ASN A 94 -9.55 22.16 20.89
N VAL A 95 -9.91 22.09 19.61
CA VAL A 95 -8.93 22.11 18.53
C VAL A 95 -8.92 23.52 17.94
N LEU A 96 -7.75 24.14 17.93
CA LEU A 96 -7.56 25.47 17.32
C LEU A 96 -6.86 25.37 15.97
N TYR A 97 -7.62 25.42 14.88
CA TYR A 97 -7.06 25.37 13.51
C TYR A 97 -6.60 26.76 13.10
N LEU A 98 -5.30 26.95 12.91
CA LEU A 98 -4.73 28.28 12.68
C LEU A 98 -4.13 28.46 11.31
N GLU A 99 -4.68 29.37 10.52
CA GLU A 99 -4.12 29.63 9.18
C GLU A 99 -2.89 30.52 9.29
N SER A 100 -1.74 29.96 8.91
CA SER A 100 -0.47 30.63 9.14
C SER A 100 0.57 30.12 8.15
N PRO A 101 1.59 30.93 7.85
CA PRO A 101 1.84 32.28 8.34
C PRO A 101 0.99 33.31 7.61
N ALA A 102 1.19 34.59 7.95
CA ALA A 102 0.52 35.69 7.25
C ALA A 102 0.43 35.52 5.75
N GLY A 103 -0.79 35.52 5.22
CA GLY A 103 -1.04 35.45 3.77
C GLY A 103 -1.70 34.15 3.33
N VAL A 104 -1.51 33.10 4.13
CA VAL A 104 -2.13 31.80 3.87
C VAL A 104 -3.63 31.87 4.17
N GLY A 105 -4.43 31.26 3.29
CA GLY A 105 -5.88 31.20 3.45
C GLY A 105 -6.53 32.57 3.59
N PHE A 106 -7.20 32.80 4.71
CA PHE A 106 -7.83 34.09 5.03
C PHE A 106 -6.93 34.98 5.91
N SER A 107 -5.74 34.51 6.25
CA SER A 107 -4.84 35.31 7.05
C SER A 107 -4.17 36.34 6.17
N TYR A 108 -3.94 37.52 6.74
CA TYR A 108 -3.31 38.62 6.02
C TYR A 108 -2.44 39.48 6.94
N SER A 109 -1.81 40.49 6.34
CA SER A 109 -1.17 41.58 7.09
C SER A 109 -1.55 42.89 6.44
N ASP A 110 -1.51 43.97 7.20
CA ASP A 110 -1.85 45.30 6.68
C ASP A 110 -0.94 45.70 5.52
N ASP A 111 0.34 45.45 5.66
CA ASP A 111 1.31 45.80 4.61
C ASP A 111 1.38 44.78 3.47
N LYS A 112 0.74 43.62 3.64
CA LYS A 112 0.71 42.57 2.60
C LYS A 112 2.08 42.01 2.18
N PHE A 113 3.14 42.25 2.96
CA PHE A 113 4.45 41.66 2.64
C PHE A 113 4.47 40.29 3.27
N TYR A 114 4.48 39.25 2.45
CA TYR A 114 4.30 37.89 2.96
C TYR A 114 5.56 37.03 2.89
N ALA A 115 6.68 37.59 2.42
CA ALA A 115 7.97 36.91 2.54
C ALA A 115 8.27 36.78 4.01
N THR A 116 8.69 35.59 4.43
CA THR A 116 8.92 35.31 5.83
C THR A 116 9.90 34.15 5.96
N ASN A 117 10.14 33.69 7.19
CA ASN A 117 11.09 32.62 7.45
C ASN A 117 10.81 31.91 8.79
N ASP A 118 11.46 30.78 9.01
CA ASP A 118 11.14 29.91 10.15
C ASP A 118 11.11 30.66 11.51
N THR A 119 12.11 31.51 11.77
CA THR A 119 12.19 32.23 13.05
C THR A 119 11.06 33.24 13.17
N GLU A 120 10.71 33.89 12.07
CA GLU A 120 9.65 34.89 12.10
C GLU A 120 8.30 34.22 12.25
N VAL A 121 8.10 33.10 11.58
CA VAL A 121 6.83 32.39 11.67
C VAL A 121 6.63 31.84 13.06
N ALA A 122 7.71 31.33 13.65
CA ALA A 122 7.67 30.81 15.02
C ALA A 122 7.16 31.90 15.96
N GLN A 123 7.83 33.05 15.91
CA GLN A 123 7.47 34.20 16.73
C GLN A 123 6.03 34.66 16.48
N SER A 124 5.62 34.63 15.22
CA SER A 124 4.28 35.07 14.83
C SER A 124 3.21 34.18 15.46
N ASN A 125 3.40 32.86 15.34
CA ASN A 125 2.50 31.88 15.96
C ASN A 125 2.47 32.01 17.50
N PHE A 126 3.66 32.19 18.09
CA PHE A 126 3.76 32.39 19.52
C PHE A 126 2.95 33.57 19.98
N GLU A 127 3.08 34.70 19.29
CA GLU A 127 2.33 35.92 19.64
C GLU A 127 0.82 35.77 19.39
N ALA A 128 0.46 35.04 18.33
CA ALA A 128 -0.94 34.70 18.07
C ALA A 128 -1.55 33.80 19.14
N LEU A 129 -0.76 32.85 19.63
CA LEU A 129 -1.17 31.99 20.72
C LEU A 129 -1.36 32.85 21.97
N GLN A 130 -0.44 33.79 22.22
CA GLN A 130 -0.63 34.79 23.28
C GLN A 130 -1.94 35.55 23.11
N ASP A 131 -2.17 36.12 21.94
CA ASP A 131 -3.41 36.84 21.66
C ASP A 131 -4.64 35.97 21.83
N PHE A 132 -4.49 34.67 21.61
CA PHE A 132 -5.61 33.74 21.78
C PHE A 132 -6.11 33.73 23.20
N PHE A 133 -5.18 33.61 24.13
CA PHE A 133 -5.54 33.50 25.54
C PHE A 133 -6.04 34.80 26.14
N ARG A 134 -5.72 35.94 25.51
CA ARG A 134 -6.32 37.22 25.91
C ARG A 134 -7.79 37.20 25.57
N LEU A 135 -8.11 36.61 24.42
CA LEU A 135 -9.47 36.53 23.91
C LEU A 135 -10.22 35.37 24.54
N PHE A 136 -9.49 34.29 24.84
CA PHE A 136 -10.08 33.11 25.48
C PHE A 136 -9.41 32.81 26.81
N PRO A 137 -9.55 33.72 27.79
CA PRO A 137 -8.86 33.53 29.09
C PRO A 137 -9.28 32.27 29.88
N GLU A 138 -10.54 31.87 29.70
CA GLU A 138 -11.10 30.68 30.37
C GLU A 138 -10.46 29.37 29.92
N TYR A 139 -9.63 29.42 28.87
CA TYR A 139 -8.88 28.25 28.39
C TYR A 139 -7.38 28.28 28.73
N LYS A 140 -6.96 29.27 29.51
CA LYS A 140 -5.57 29.35 29.97
C LYS A 140 -5.16 28.19 30.88
N ASN A 141 -6.11 27.59 31.58
CA ASN A 141 -5.80 26.48 32.51
C ASN A 141 -5.66 25.15 31.82
N ASN A 142 -6.36 25.01 30.69
CA ASN A 142 -6.50 23.73 30.02
C ASN A 142 -5.15 23.18 29.59
N LYS A 143 -5.03 21.87 29.55
CA LYS A 143 -3.82 21.25 29.05
C LYS A 143 -3.67 21.72 27.60
N LEU A 144 -2.44 22.10 27.21
CA LEU A 144 -2.19 22.67 25.87
C LEU A 144 -1.23 21.80 25.07
N PHE A 145 -1.73 21.29 23.95
CA PHE A 145 -0.91 20.54 23.01
C PHE A 145 -0.73 21.27 21.68
N LEU A 146 0.48 21.13 21.14
CA LEU A 146 0.85 21.71 19.87
C LEU A 146 0.95 20.56 18.88
N THR A 147 0.14 20.59 17.82
CA THR A 147 0.16 19.51 16.83
C THR A 147 0.20 20.10 15.45
N GLY A 148 0.80 19.36 14.53
CA GLY A 148 0.90 19.81 13.14
C GLY A 148 1.19 18.67 12.19
N GLU A 149 1.35 19.02 10.92
CA GLU A 149 1.65 18.05 9.87
C GLU A 149 2.66 18.62 8.89
N SER A 150 3.34 17.75 8.14
CA SER A 150 4.11 18.20 6.96
C SER A 150 5.23 19.19 7.38
N TYR A 151 5.36 20.32 6.69
CA TYR A 151 6.36 21.30 7.09
C TYR A 151 6.23 21.77 8.55
N ALA A 152 5.10 21.49 9.20
CA ALA A 152 4.93 21.85 10.61
C ALA A 152 5.82 21.00 11.50
N GLY A 153 6.52 20.03 10.92
CA GLY A 153 7.63 19.40 11.61
C GLY A 153 8.71 20.41 11.97
N ILE A 154 8.71 21.54 11.27
CA ILE A 154 9.54 22.72 11.60
C ILE A 154 8.76 23.76 12.42
N TYR A 155 7.55 24.07 11.99
CA TYR A 155 6.74 25.04 12.73
C TYR A 155 6.65 24.67 14.20
N ILE A 156 6.33 23.41 14.48
CA ILE A 156 5.90 22.98 15.82
C ILE A 156 7.03 22.95 16.87
N PRO A 157 8.16 22.28 16.58
CA PRO A 157 9.21 22.29 17.58
C PRO A 157 9.74 23.68 17.83
N THR A 158 9.88 24.48 16.77
CA THR A 158 10.42 25.83 16.92
C THR A 158 9.47 26.68 17.76
N LEU A 159 8.17 26.52 17.49
CA LEU A 159 7.12 27.17 18.28
C LEU A 159 7.20 26.72 19.73
N ALA A 160 7.23 25.40 19.92
CA ALA A 160 7.21 24.80 21.25
C ALA A 160 8.31 25.37 22.14
N VAL A 161 9.50 25.53 21.59
CA VAL A 161 10.59 26.16 22.31
C VAL A 161 10.19 27.55 22.85
N LEU A 162 9.55 28.37 22.02
CA LEU A 162 9.09 29.67 22.50
C LEU A 162 8.05 29.51 23.59
N VAL A 163 7.15 28.52 23.42
CA VAL A 163 6.08 28.27 24.38
C VAL A 163 6.68 27.77 25.70
N MET A 164 7.72 26.96 25.57
CA MET A 164 8.46 26.43 26.71
C MET A 164 8.98 27.55 27.61
N GLN A 165 9.34 28.68 27.00
CA GLN A 165 9.80 29.86 27.74
C GLN A 165 8.69 30.60 28.50
N ASP A 166 7.42 30.40 28.15
CA ASP A 166 6.31 31.12 28.82
C ASP A 166 5.46 30.20 29.72
N PRO A 167 5.68 30.26 31.05
CA PRO A 167 5.03 29.30 31.94
C PRO A 167 3.57 29.63 32.23
N SER A 168 3.11 30.82 31.78
CA SER A 168 1.68 31.14 31.76
C SER A 168 0.93 30.19 30.83
N MET A 169 1.58 29.74 29.76
CA MET A 169 1.02 28.71 28.88
C MET A 169 1.28 27.31 29.44
N ASN A 170 0.21 26.51 29.52
CA ASN A 170 0.26 25.18 30.14
C ASN A 170 0.58 24.06 29.14
N LEU A 171 1.75 24.16 28.51
CA LEU A 171 2.20 23.20 27.50
C LEU A 171 2.40 21.81 28.12
N GLN A 172 1.68 20.82 27.60
CA GLN A 172 1.85 19.46 28.07
C GLN A 172 2.52 18.55 27.04
N GLY A 173 2.23 18.73 25.76
CA GLY A 173 2.92 17.98 24.70
C GLY A 173 2.82 18.52 23.27
N LEU A 174 3.45 17.80 22.35
CA LEU A 174 3.34 18.10 20.93
C LEU A 174 3.35 16.84 20.04
N ALA A 175 2.61 16.87 18.94
CA ALA A 175 2.58 15.75 17.99
C ALA A 175 2.75 16.23 16.55
N VAL A 176 3.55 15.50 15.77
CA VAL A 176 3.83 15.87 14.37
C VAL A 176 3.55 14.72 13.41
N GLY A 177 2.66 14.94 12.44
CA GLY A 177 2.29 13.93 11.45
C GLY A 177 3.08 14.05 10.15
N ASN A 178 3.71 12.97 9.72
CA ASN A 178 4.60 13.01 8.56
C ASN A 178 5.35 14.33 8.49
N GLY A 179 6.11 14.60 9.54
CA GLY A 179 6.79 15.87 9.68
C GLY A 179 8.11 15.86 8.97
N LEU A 180 8.60 17.07 8.68
CA LEU A 180 9.94 17.27 8.20
C LEU A 180 10.82 17.64 9.38
N SER A 181 11.46 16.63 9.95
CA SER A 181 12.34 16.82 11.11
C SER A 181 13.79 17.02 10.70
N SER A 182 14.22 16.36 9.61
CA SER A 182 15.58 16.49 9.09
C SER A 182 15.66 16.25 7.60
N TYR A 183 16.07 17.28 6.84
CA TYR A 183 16.22 17.15 5.38
C TYR A 183 17.16 16.00 5.00
N GLU A 184 18.27 15.85 5.72
CA GLU A 184 19.26 14.84 5.38
C GLU A 184 18.71 13.42 5.51
N GLN A 185 18.07 13.13 6.65
CA GLN A 185 17.51 11.78 6.86
C GLN A 185 16.33 11.51 5.93
N ASN A 186 15.55 12.56 5.69
CA ASN A 186 14.41 12.47 4.79
C ASN A 186 14.91 12.07 3.41
N ASP A 187 15.98 12.74 2.98
CA ASP A 187 16.47 12.56 1.63
C ASP A 187 17.18 11.22 1.43
N ASN A 188 18.06 10.85 2.35
CA ASN A 188 18.72 9.54 2.29
C ASN A 188 17.70 8.39 2.39
N SER A 189 16.76 8.48 3.33
CA SER A 189 15.76 7.43 3.54
C SER A 189 14.78 7.28 2.35
N LEU A 190 14.42 8.40 1.73
CA LEU A 190 13.55 8.38 0.54
C LEU A 190 14.12 7.55 -0.58
N VAL A 191 15.43 7.61 -0.77
CA VAL A 191 16.06 6.90 -1.87
C VAL A 191 15.99 5.39 -1.66
N TYR A 192 16.31 4.93 -0.44
CA TYR A 192 16.09 3.52 -0.09
C TYR A 192 14.61 3.20 -0.27
N PHE A 193 13.75 4.11 0.20
CA PHE A 193 12.33 3.89 0.10
C PHE A 193 12.00 3.58 -1.34
N ALA A 194 12.50 4.41 -2.24
CA ALA A 194 12.15 4.31 -3.66
C ALA A 194 12.57 2.96 -4.23
N TYR A 195 13.78 2.52 -3.92
CA TYR A 195 14.25 1.24 -4.48
C TYR A 195 13.41 0.08 -3.97
N TYR A 196 13.24 0.03 -2.65
CA TYR A 196 12.62 -1.13 -2.01
C TYR A 196 11.10 -1.17 -2.12
N HIS A 197 10.52 -0.09 -2.62
CA HIS A 197 9.12 -0.08 -3.02
C HIS A 197 8.94 -0.22 -4.52
N GLY A 198 10.00 -0.58 -5.23
CA GLY A 198 9.89 -1.03 -6.61
C GLY A 198 9.91 0.03 -7.72
N LEU A 199 10.46 1.20 -7.42
CA LEU A 199 10.42 2.32 -8.34
C LEU A 199 11.72 2.52 -9.13
N LEU A 200 12.79 1.82 -8.74
CA LEU A 200 14.14 2.13 -9.24
C LEU A 200 14.83 1.06 -10.07
N GLY A 201 14.73 -0.19 -9.66
CA GLY A 201 15.41 -1.25 -10.37
C GLY A 201 16.92 -1.25 -10.12
N ASN A 202 17.58 -2.28 -10.61
CA ASN A 202 18.93 -2.62 -10.21
C ASN A 202 20.05 -1.84 -10.91
N ARG A 203 19.89 -1.50 -12.19
CA ARG A 203 20.90 -0.70 -12.87
C ARG A 203 21.04 0.62 -12.14
N LEU A 204 19.91 1.29 -11.93
CA LEU A 204 19.94 2.57 -11.23
C LEU A 204 20.40 2.41 -9.78
N TRP A 205 19.88 1.41 -9.06
CA TRP A 205 20.35 1.14 -7.70
C TRP A 205 21.88 0.93 -7.68
N SER A 206 22.41 0.10 -8.58
CA SER A 206 23.87 -0.10 -8.65
C SER A 206 24.62 1.21 -8.85
N SER A 207 24.15 2.04 -9.78
CA SER A 207 24.82 3.28 -10.07
C SER A 207 24.86 4.12 -8.83
N LEU A 208 23.70 4.31 -8.23
CA LEU A 208 23.58 5.07 -6.99
C LEU A 208 24.60 4.60 -5.93
N GLN A 209 24.62 3.29 -5.65
CA GLN A 209 25.59 2.69 -4.70
C GLN A 209 27.03 3.04 -5.05
N THR A 210 27.36 2.82 -6.32
CA THR A 210 28.70 3.07 -6.82
C THR A 210 29.15 4.52 -6.58
N HIS A 211 28.33 5.48 -6.99
CA HIS A 211 28.70 6.89 -7.05
C HIS A 211 28.36 7.69 -5.78
N CYS A 212 27.34 7.25 -5.05
CA CYS A 212 26.90 7.98 -3.87
C CYS A 212 27.26 7.31 -2.56
N CYS A 213 27.87 6.13 -2.61
CA CYS A 213 28.06 5.35 -1.40
C CYS A 213 29.40 4.66 -1.38
N SER A 214 30.05 4.69 -0.23
CA SER A 214 31.17 3.81 0.03
C SER A 214 30.86 2.94 1.25
N GLN A 215 30.75 1.63 1.02
CA GLN A 215 30.83 0.60 2.05
C GLN A 215 30.24 0.97 3.43
N ASN A 216 28.92 0.77 3.57
CA ASN A 216 28.19 0.95 4.85
C ASN A 216 27.75 2.41 5.20
N LYS A 217 27.81 3.31 4.22
CA LYS A 217 27.02 4.52 4.31
C LYS A 217 26.89 5.22 2.96
N CYS A 218 25.69 5.72 2.70
CA CYS A 218 25.42 6.48 1.49
C CYS A 218 25.29 7.98 1.82
N ASN A 219 25.66 8.82 0.86
CA ASN A 219 25.27 10.22 0.92
C ASN A 219 24.43 10.51 -0.29
N PHE A 220 23.11 10.53 -0.07
CA PHE A 220 22.16 10.98 -1.08
C PHE A 220 21.66 12.39 -0.78
N TYR A 221 22.20 13.02 0.27
CA TYR A 221 21.78 14.38 0.65
C TYR A 221 22.51 15.48 -0.12
N ASP A 222 23.82 15.60 0.09
CA ASP A 222 24.59 16.71 -0.45
C ASP A 222 25.86 16.23 -1.13
N ASN A 223 25.78 15.06 -1.74
CA ASN A 223 26.93 14.43 -2.38
C ASN A 223 27.41 15.25 -3.56
N LYS A 224 28.73 15.43 -3.66
CA LYS A 224 29.32 16.28 -4.68
C LYS A 224 29.80 15.50 -5.90
N ASP A 225 29.76 14.18 -5.84
CA ASP A 225 30.11 13.37 -6.99
C ASP A 225 29.10 13.67 -8.11
N LEU A 226 29.62 14.11 -9.26
CA LEU A 226 28.78 14.56 -10.37
C LEU A 226 27.97 13.43 -11.00
N GLU A 227 28.51 12.22 -10.97
CA GLU A 227 27.77 11.04 -11.41
C GLU A 227 26.69 10.65 -10.41
N CYS A 228 26.94 10.91 -9.12
CA CYS A 228 25.89 10.72 -8.10
C CYS A 228 24.74 11.69 -8.36
N VAL A 229 25.07 12.95 -8.63
CA VAL A 229 24.03 13.96 -8.86
C VAL A 229 23.11 13.60 -10.03
N THR A 230 23.69 13.13 -11.12
CA THR A 230 22.90 12.77 -12.29
C THR A 230 21.88 11.69 -11.94
N ASN A 231 22.26 10.76 -11.06
CA ASN A 231 21.38 9.69 -10.63
C ASN A 231 20.37 10.14 -9.59
N LEU A 232 20.80 10.95 -8.63
CA LEU A 232 19.83 11.51 -7.68
C LEU A 232 18.75 12.28 -8.45
N GLN A 233 19.14 13.00 -9.49
CA GLN A 233 18.19 13.71 -10.33
C GLN A 233 17.17 12.77 -10.98
N GLU A 234 17.67 11.63 -11.46
CA GLU A 234 16.78 10.62 -12.01
C GLU A 234 15.79 10.15 -10.94
N VAL A 235 16.29 9.79 -9.75
CA VAL A 235 15.41 9.43 -8.62
C VAL A 235 14.40 10.53 -8.34
N ALA A 236 14.87 11.76 -8.19
CA ALA A 236 13.96 12.89 -8.01
C ALA A 236 12.85 12.91 -9.09
N ARG A 237 13.22 12.63 -10.34
CA ARG A 237 12.24 12.62 -11.44
C ARG A 237 11.23 11.48 -11.29
N ILE A 238 11.69 10.31 -10.87
CA ILE A 238 10.80 9.16 -10.79
C ILE A 238 9.80 9.37 -9.65
N VAL A 239 10.32 9.77 -8.52
CA VAL A 239 9.50 9.92 -7.33
C VAL A 239 8.50 11.05 -7.44
N GLY A 240 9.00 12.23 -7.82
CA GLY A 240 8.24 13.47 -7.70
C GLY A 240 7.61 13.96 -8.98
N ASN A 241 8.08 13.51 -10.12
CA ASN A 241 7.75 14.20 -11.36
C ASN A 241 7.42 13.29 -12.53
N SER A 242 6.76 12.18 -12.28
CA SER A 242 6.50 11.21 -13.33
C SER A 242 5.16 10.48 -13.24
N GLY A 243 4.23 10.97 -12.40
CA GLY A 243 2.88 10.42 -12.34
C GLY A 243 2.46 9.73 -11.03
N LEU A 244 3.42 9.40 -10.17
CA LEU A 244 3.11 8.78 -8.89
C LEU A 244 2.53 9.80 -7.92
N ASN A 245 1.80 9.30 -6.92
CA ASN A 245 1.28 10.16 -5.90
C ASN A 245 2.25 10.22 -4.73
N ILE A 246 3.03 11.31 -4.69
CA ILE A 246 4.10 11.47 -3.71
C ILE A 246 3.57 11.45 -2.26
N TYR A 247 2.32 11.87 -2.08
CA TYR A 247 1.67 11.88 -0.78
C TYR A 247 1.24 10.45 -0.38
N ASN A 248 0.99 9.62 -1.37
CA ASN A 248 0.50 8.26 -1.11
C ASN A 248 0.72 7.41 -2.35
N LEU A 249 1.80 6.63 -2.31
CA LEU A 249 2.26 5.85 -3.45
C LEU A 249 1.28 4.87 -4.07
N TYR A 250 0.32 4.38 -3.30
CA TYR A 250 -0.63 3.38 -3.81
C TYR A 250 -1.97 3.98 -4.21
N ALA A 251 -2.05 5.32 -4.15
CA ALA A 251 -3.22 6.07 -4.56
C ALA A 251 -3.04 6.67 -5.95
N PRO A 252 -4.14 6.78 -6.72
CA PRO A 252 -4.06 7.45 -8.02
C PRO A 252 -3.76 8.93 -7.84
N CYS A 253 -3.13 9.53 -8.85
CA CYS A 253 -2.79 10.94 -8.82
C CYS A 253 -3.97 11.72 -9.35
N ALA A 254 -4.54 12.59 -8.52
CA ALA A 254 -5.67 13.42 -8.94
C ALA A 254 -5.44 14.13 -10.30
N GLY A 255 -6.27 13.79 -11.29
CA GLY A 255 -6.26 14.51 -12.56
C GLY A 255 -5.18 14.08 -13.54
N GLY A 256 -5.03 12.76 -13.70
CA GLY A 256 -4.21 12.19 -14.75
C GLY A 256 -2.71 12.41 -14.59
N VAL A 257 -1.95 11.85 -15.53
CA VAL A 257 -0.49 11.93 -15.46
C VAL A 257 0.05 12.98 -16.46
N PRO A 258 0.65 14.08 -15.94
CA PRO A 258 1.03 15.23 -16.77
C PRO A 258 1.69 14.90 -18.10
N ARG A 268 -2.11 29.29 -9.77
CA ARG A 268 -2.40 28.84 -8.41
C ARG A 268 -1.61 27.57 -8.09
N MET A 269 -1.06 27.51 -6.88
CA MET A 269 -0.34 26.33 -6.42
C MET A 269 -1.24 25.47 -5.56
N ASP A 270 -1.65 24.33 -6.11
CA ASP A 270 -2.21 23.27 -5.31
C ASP A 270 -1.02 22.43 -4.88
N PRO A 271 -1.20 21.61 -3.83
CA PRO A 271 -0.26 20.53 -3.60
C PRO A 271 -0.34 19.55 -4.76
N PRO A 272 0.75 18.83 -5.07
CA PRO A 272 0.70 17.96 -6.25
C PRO A 272 -0.16 16.71 -6.02
N CYS A 273 -0.75 16.21 -7.11
CA CYS A 273 -1.67 15.08 -7.10
C CYS A 273 -2.87 15.25 -6.16
N THR A 274 -3.19 16.50 -5.82
CA THR A 274 -4.25 16.81 -4.87
C THR A 274 -5.35 17.64 -5.52
N ASN A 275 -6.60 17.19 -5.42
CA ASN A 275 -7.77 17.99 -5.83
C ASN A 275 -8.23 18.85 -4.66
N THR A 276 -8.21 20.18 -4.85
CA THR A 276 -8.61 21.11 -3.78
C THR A 276 -9.92 21.81 -4.11
N THR A 277 -10.68 21.25 -5.05
CA THR A 277 -11.90 21.89 -5.50
C THR A 277 -12.94 21.91 -4.39
N ALA A 278 -13.22 20.74 -3.80
CA ALA A 278 -14.26 20.63 -2.78
C ALA A 278 -14.17 21.72 -1.72
N ALA A 279 -12.99 21.89 -1.12
CA ALA A 279 -12.81 22.82 -0.02
C ALA A 279 -12.85 24.27 -0.47
N SER A 280 -12.20 24.55 -1.60
CA SER A 280 -12.16 25.90 -2.15
C SER A 280 -13.56 26.39 -2.53
N THR A 281 -14.27 25.56 -3.29
CA THR A 281 -15.66 25.85 -3.62
C THR A 281 -16.42 26.23 -2.37
N TYR A 282 -16.22 25.48 -1.29
CA TYR A 282 -16.98 25.72 -0.08
C TYR A 282 -16.61 27.04 0.56
N LEU A 283 -15.33 27.22 0.86
CA LEU A 283 -14.86 28.40 1.61
C LEU A 283 -14.96 29.74 0.87
N ASN A 284 -15.06 29.72 -0.46
CA ASN A 284 -15.23 30.95 -1.24
C ASN A 284 -16.68 31.39 -1.37
N ASN A 285 -17.61 30.50 -1.01
CA ASN A 285 -19.02 30.88 -0.87
C ASN A 285 -19.13 32.12 0.01
N PRO A 286 -19.63 33.23 -0.54
CA PRO A 286 -19.71 34.48 0.23
C PRO A 286 -20.42 34.33 1.58
N TYR A 287 -21.42 33.46 1.63
CA TYR A 287 -22.16 33.22 2.87
C TYR A 287 -21.29 32.49 3.91
N VAL A 288 -20.42 31.59 3.45
CA VAL A 288 -19.47 30.93 4.36
C VAL A 288 -18.47 31.94 4.94
N ARG A 289 -17.92 32.81 4.10
CA ARG A 289 -17.02 33.87 4.56
C ARG A 289 -17.69 34.74 5.63
N LYS A 290 -18.95 35.09 5.38
CA LYS A 290 -19.75 35.90 6.31
C LYS A 290 -19.95 35.17 7.65
N ALA A 291 -20.28 33.87 7.58
CA ALA A 291 -20.52 33.04 8.75
C ALA A 291 -19.27 32.90 9.59
N LEU A 292 -18.12 32.99 8.93
CA LEU A 292 -16.80 32.88 9.54
C LEU A 292 -16.15 34.25 9.76
N ASN A 293 -16.97 35.30 9.74
CA ASN A 293 -16.51 36.65 10.10
C ASN A 293 -15.26 37.05 9.32
N ILE A 294 -15.23 36.72 8.03
CA ILE A 294 -14.12 37.09 7.18
C ILE A 294 -14.44 38.44 6.56
N PRO A 295 -13.51 39.39 6.67
CA PRO A 295 -13.73 40.65 5.99
C PRO A 295 -13.80 40.47 4.47
N GLU A 296 -14.69 41.22 3.84
CA GLU A 296 -15.00 41.07 2.42
C GLU A 296 -13.82 41.33 1.48
N GLN A 297 -13.06 42.38 1.75
CA GLN A 297 -12.00 42.83 0.82
C GLN A 297 -10.89 41.82 0.58
N LEU A 298 -10.77 40.80 1.43
CA LEU A 298 -9.68 39.83 1.31
C LEU A 298 -9.81 38.96 0.06
N PRO A 299 -8.67 38.57 -0.52
CA PRO A 299 -8.67 37.75 -1.74
C PRO A 299 -9.31 36.40 -1.54
N GLN A 300 -9.54 35.68 -2.64
CA GLN A 300 -10.17 34.38 -2.57
C GLN A 300 -9.33 33.44 -1.69
N TRP A 301 -9.96 32.41 -1.14
CA TRP A 301 -9.24 31.39 -0.39
C TRP A 301 -8.64 30.35 -1.34
N ASP A 302 -7.37 30.00 -1.08
CA ASP A 302 -6.65 28.90 -1.72
C ASP A 302 -6.06 28.03 -0.62
N MET A 303 -6.03 26.72 -0.84
CA MET A 303 -5.44 25.82 0.13
C MET A 303 -3.97 26.18 0.37
N CYS A 304 -3.24 26.56 -0.67
CA CYS A 304 -1.88 27.12 -0.48
C CYS A 304 -1.68 28.43 -1.22
N ASN A 305 -0.73 29.21 -0.74
CA ASN A 305 -0.34 30.46 -1.35
C ASN A 305 1.03 30.29 -1.98
N PHE A 306 1.07 30.36 -3.32
CA PHE A 306 2.31 30.31 -4.09
C PHE A 306 3.31 31.40 -3.68
N LEU A 307 2.82 32.61 -3.43
CA LEU A 307 3.68 33.71 -2.98
C LEU A 307 4.43 33.29 -1.73
N VAL A 308 3.68 32.96 -0.69
CA VAL A 308 4.25 32.54 0.58
C VAL A 308 5.31 31.48 0.31
N ASN A 309 4.92 30.41 -0.35
CA ASN A 309 5.83 29.29 -0.57
C ASN A 309 7.07 29.72 -1.33
N LEU A 310 6.88 30.40 -2.46
CA LEU A 310 8.01 30.85 -3.27
C LEU A 310 8.93 31.84 -2.56
N GLN A 311 8.35 32.73 -1.74
CA GLN A 311 9.14 33.71 -1.03
C GLN A 311 9.66 33.24 0.32
N TYR A 312 9.49 31.96 0.64
CA TYR A 312 9.78 31.45 1.98
C TYR A 312 11.24 31.04 2.12
N ARG A 313 11.85 31.49 3.22
CA ARG A 313 13.25 31.22 3.49
C ARG A 313 13.41 30.17 4.61
N ARG A 314 13.93 28.99 4.26
CA ARG A 314 14.10 27.88 5.19
C ARG A 314 15.43 27.97 5.91
N LEU A 315 15.41 28.02 7.23
CA LEU A 315 16.63 28.26 8.03
C LEU A 315 17.10 27.04 8.78
N TYR A 316 16.18 26.39 9.49
CA TYR A 316 16.53 25.19 10.21
C TYR A 316 16.61 23.99 9.28
N ARG A 317 17.70 23.25 9.39
CA ARG A 317 18.03 22.12 8.56
C ARG A 317 17.75 20.79 9.30
N SER A 318 17.50 20.90 10.61
CA SER A 318 17.26 19.73 11.45
C SER A 318 16.66 20.16 12.80
N MET A 319 15.71 19.40 13.31
CA MET A 319 15.03 19.74 14.57
C MET A 319 15.62 19.01 15.76
N ASN A 320 16.78 18.39 15.55
CA ASN A 320 17.49 17.75 16.64
C ASN A 320 17.67 18.62 17.92
N SER A 321 18.11 19.86 17.77
CA SER A 321 18.29 20.72 18.93
C SER A 321 16.99 20.92 19.66
N GLN A 322 15.98 21.34 18.91
CA GLN A 322 14.73 21.76 19.50
C GLN A 322 14.12 20.62 20.31
N TYR A 323 14.26 19.40 19.81
CA TYR A 323 13.61 18.25 20.44
C TYR A 323 14.34 17.87 21.72
N LEU A 324 15.67 17.85 21.67
CA LEU A 324 16.45 17.60 22.87
C LEU A 324 16.19 18.69 23.91
N LYS A 325 16.16 19.92 23.44
CA LYS A 325 15.83 21.05 24.30
C LYS A 325 14.43 20.92 24.92
N LEU A 326 13.50 20.30 24.21
CA LEU A 326 12.16 20.06 24.74
C LEU A 326 12.14 18.80 25.61
N LEU A 327 13.05 17.88 25.33
CA LEU A 327 13.10 16.63 26.10
C LEU A 327 13.85 16.77 27.41
N SER A 328 14.81 17.68 27.46
CA SER A 328 15.64 17.89 28.66
C SER A 328 14.78 18.20 29.88
N SER A 329 13.81 19.10 29.72
CA SER A 329 12.90 19.48 30.81
C SER A 329 12.13 18.27 31.32
N GLN A 330 11.71 17.41 30.40
CA GLN A 330 10.90 16.22 30.72
C GLN A 330 9.49 16.52 31.28
N LYS A 331 8.97 17.70 30.98
CA LYS A 331 7.58 17.99 31.28
C LYS A 331 6.68 17.61 30.08
N TYR A 332 7.27 17.32 28.93
CA TYR A 332 6.53 17.30 27.66
C TYR A 332 6.45 15.93 26.99
N GLN A 333 5.23 15.54 26.63
CA GLN A 333 4.95 14.27 25.97
C GLN A 333 4.92 14.44 24.45
N ILE A 334 5.86 13.81 23.74
CA ILE A 334 6.05 14.04 22.30
C ILE A 334 5.73 12.82 21.44
N LEU A 335 5.02 13.02 20.33
CA LEU A 335 4.72 11.94 19.37
C LEU A 335 5.06 12.34 17.94
N LEU A 336 5.77 11.47 17.26
CA LEU A 336 5.95 11.59 15.84
C LEU A 336 5.26 10.39 15.24
N TYR A 337 4.32 10.64 14.34
CA TYR A 337 3.63 9.56 13.64
C TYR A 337 3.75 9.78 12.14
N ASN A 338 3.73 8.68 11.39
CA ASN A 338 3.94 8.73 9.94
C ASN A 338 3.09 7.69 9.19
N GLY A 339 2.45 8.11 8.09
CA GLY A 339 1.90 7.17 7.14
C GLY A 339 3.02 6.45 6.41
N ASP A 340 2.95 5.12 6.35
CA ASP A 340 4.08 4.34 5.80
C ASP A 340 4.06 4.12 4.27
N VAL A 341 3.14 4.78 3.58
CA VAL A 341 3.17 4.81 2.12
C VAL A 341 3.28 6.24 1.57
N ASP A 342 3.71 7.19 2.42
CA ASP A 342 4.00 8.55 2.01
C ASP A 342 5.47 8.69 1.56
N MET A 343 5.70 9.47 0.50
CA MET A 343 7.06 9.74 0.01
C MET A 343 7.49 11.18 0.17
N ALA A 344 6.54 12.06 0.49
CA ALA A 344 6.87 13.43 0.89
C ALA A 344 7.71 13.46 2.16
N CYS A 345 7.26 12.79 3.22
CA CYS A 345 8.02 12.70 4.48
C CYS A 345 8.04 11.28 5.01
N ASN A 346 8.82 10.41 4.38
CA ASN A 346 8.61 8.99 4.54
C ASN A 346 8.86 8.57 5.99
N PHE A 347 8.20 7.48 6.40
CA PHE A 347 8.23 7.04 7.81
C PHE A 347 9.63 6.74 8.33
N MET A 348 10.49 6.21 7.47
CA MET A 348 11.81 5.79 7.93
C MET A 348 12.67 6.97 8.32
N GLY A 349 12.60 8.04 7.54
CA GLY A 349 13.35 9.26 7.82
C GLY A 349 13.09 9.68 9.25
N ASP A 350 11.82 9.73 9.64
CA ASP A 350 11.46 10.11 11.00
C ASP A 350 11.77 9.04 12.05
N GLU A 351 11.67 7.77 11.69
CA GLU A 351 12.13 6.73 12.60
C GLU A 351 13.63 6.86 12.89
N TRP A 352 14.43 7.12 11.85
CA TRP A 352 15.86 7.41 12.01
C TRP A 352 16.07 8.65 12.86
N PHE A 353 15.28 9.67 12.61
CA PHE A 353 15.42 10.92 13.34
C PHE A 353 15.17 10.73 14.82
N VAL A 354 14.09 10.03 15.15
CA VAL A 354 13.79 9.76 16.56
C VAL A 354 14.87 8.89 17.18
N ASP A 355 15.17 7.74 16.56
CA ASP A 355 16.22 6.82 17.05
C ASP A 355 17.53 7.55 17.33
N SER A 356 17.88 8.50 16.46
CA SER A 356 19.12 9.26 16.63
C SER A 356 19.02 10.41 17.66
N LEU A 357 17.87 10.56 18.31
CA LEU A 357 17.80 11.43 19.50
C LEU A 357 18.46 10.82 20.75
N ASN A 358 18.72 9.51 20.74
CA ASN A 358 19.27 8.79 21.91
C ASN A 358 18.55 9.11 23.20
N GLN A 359 17.35 8.58 23.36
CA GLN A 359 16.61 8.71 24.59
C GLN A 359 16.57 7.36 25.23
N LYS A 360 16.19 7.30 26.50
CA LYS A 360 16.10 6.03 27.20
C LYS A 360 14.90 5.24 26.67
N MET A 361 15.20 4.12 26.01
CA MET A 361 14.17 3.24 25.51
C MET A 361 13.30 2.76 26.64
N GLU A 362 11.99 2.83 26.45
CA GLU A 362 11.05 2.28 27.39
C GLU A 362 10.42 1.02 26.79
N VAL A 363 9.39 1.17 25.96
CA VAL A 363 8.77 0.02 25.30
C VAL A 363 9.52 -0.28 24.00
N GLN A 364 9.88 -1.56 23.83
CA GLN A 364 10.51 -2.04 22.60
C GLN A 364 9.52 -1.93 21.42
N ARG A 365 10.03 -1.98 20.20
CA ARG A 365 9.18 -1.79 19.01
C ARG A 365 8.19 -2.95 18.82
N ARG A 366 6.91 -2.62 18.71
CA ARG A 366 5.87 -3.65 18.53
C ARG A 366 4.72 -3.15 17.66
N PRO A 367 3.78 -4.04 17.30
CA PRO A 367 2.48 -3.69 16.70
C PRO A 367 1.64 -2.81 17.60
N TRP A 368 0.63 -2.16 17.02
CA TRP A 368 -0.48 -1.61 17.81
C TRP A 368 -1.79 -1.78 17.05
N LEU A 369 -2.86 -2.04 17.78
CA LEU A 369 -4.10 -2.54 17.17
C LEU A 369 -5.26 -1.53 17.16
N VAL A 370 -6.24 -1.81 16.31
CA VAL A 370 -7.48 -1.04 16.25
C VAL A 370 -8.62 -2.04 16.01
N LYS A 371 -9.75 -1.80 16.66
CA LYS A 371 -10.92 -2.65 16.49
C LYS A 371 -11.79 -2.09 15.37
N TYR A 372 -12.15 -2.94 14.40
CA TYR A 372 -13.02 -2.54 13.31
C TYR A 372 -14.34 -3.31 13.36
N GLY A 373 -15.37 -2.75 12.73
CA GLY A 373 -16.67 -3.41 12.59
C GLY A 373 -16.59 -4.64 11.70
N ASP A 374 -16.86 -5.81 12.29
CA ASP A 374 -16.78 -7.12 11.60
C ASP A 374 -15.34 -7.66 11.49
N SER A 375 -14.41 -6.81 11.03
CA SER A 375 -13.01 -7.21 10.84
C SER A 375 -12.29 -7.63 12.14
N GLY A 376 -12.81 -7.25 13.30
CA GLY A 376 -12.13 -7.53 14.57
C GLY A 376 -10.92 -6.63 14.74
N GLU A 377 -9.99 -7.03 15.60
CA GLU A 377 -8.78 -6.26 15.80
C GLU A 377 -7.81 -6.44 14.61
N GLN A 378 -7.19 -5.33 14.21
CA GLN A 378 -6.18 -5.35 13.17
C GLN A 378 -4.97 -4.58 13.60
N ILE A 379 -3.89 -4.78 12.86
CA ILE A 379 -2.68 -4.02 13.08
C ILE A 379 -2.79 -2.69 12.33
N ALA A 380 -2.76 -1.60 13.08
CA ALA A 380 -2.86 -0.26 12.49
C ALA A 380 -1.48 0.29 12.14
N GLY A 381 -0.46 -0.20 12.82
CA GLY A 381 0.92 0.15 12.53
C GLY A 381 1.87 -0.37 13.60
N PHE A 382 3.07 0.21 13.66
CA PHE A 382 4.06 -0.15 14.67
C PHE A 382 4.43 1.04 15.53
N VAL A 383 4.80 0.78 16.78
CA VAL A 383 5.18 1.84 17.72
C VAL A 383 6.43 1.49 18.54
N LYS A 384 7.29 2.50 18.72
CA LYS A 384 8.57 2.37 19.43
C LYS A 384 8.59 3.51 20.43
N GLU A 385 8.51 3.21 21.73
CA GLU A 385 8.48 4.26 22.76
C GLU A 385 9.82 4.51 23.44
N PHE A 386 10.09 5.78 23.72
CA PHE A 386 11.17 6.21 24.60
C PHE A 386 10.52 7.01 25.74
N SER A 387 11.29 7.42 26.75
CA SER A 387 10.71 8.26 27.82
C SER A 387 10.34 9.63 27.20
N HIS A 388 9.04 9.90 27.22
CA HIS A 388 8.48 11.17 26.74
C HIS A 388 8.41 11.34 25.24
N ILE A 389 8.96 10.40 24.47
CA ILE A 389 8.88 10.51 23.03
C ILE A 389 8.65 9.16 22.37
N ALA A 390 7.62 9.10 21.54
CA ALA A 390 7.23 7.88 20.86
C ALA A 390 7.32 8.11 19.37
N PHE A 391 7.74 7.08 18.63
CA PHE A 391 7.53 7.04 17.18
C PHE A 391 6.51 6.00 16.81
N LEU A 392 5.68 6.29 15.82
CA LEU A 392 4.59 5.40 15.50
C LEU A 392 4.22 5.53 14.03
N THR A 393 3.95 4.41 13.35
CA THR A 393 3.49 4.41 11.98
C THR A 393 2.01 4.11 11.86
N ILE A 394 1.43 4.49 10.71
CA ILE A 394 0.08 4.10 10.35
C ILE A 394 0.10 3.32 9.04
N LYS A 395 -0.04 2.02 9.14
CA LYS A 395 0.15 1.14 8.02
C LYS A 395 -0.86 1.44 6.92
N GLY A 396 -0.39 1.57 5.70
CA GLY A 396 -1.23 1.89 4.56
C GLY A 396 -1.82 3.29 4.53
N ALA A 397 -1.24 4.23 5.29
CA ALA A 397 -1.69 5.62 5.25
C ALA A 397 -0.64 6.49 4.58
N GLY A 398 -1.10 7.55 3.94
CA GLY A 398 -0.24 8.46 3.22
C GLY A 398 0.13 9.65 4.07
N HIS A 399 0.48 10.73 3.37
CA HIS A 399 0.92 11.99 3.97
C HIS A 399 -0.14 12.58 4.91
N MET A 400 -1.41 12.31 4.64
CA MET A 400 -2.50 12.86 5.45
C MET A 400 -3.23 11.74 6.14
N VAL A 401 -2.69 11.37 7.29
CA VAL A 401 -3.11 10.19 8.05
C VAL A 401 -4.61 10.18 8.33
N PRO A 402 -5.15 11.23 8.95
CA PRO A 402 -6.60 11.23 9.29
C PRO A 402 -7.55 11.06 8.11
N THR A 403 -7.10 11.38 6.89
CA THR A 403 -7.89 11.18 5.67
C THR A 403 -7.84 9.71 5.23
N ASP A 404 -6.64 9.18 5.10
CA ASP A 404 -6.46 7.80 4.68
C ASP A 404 -6.97 6.80 5.76
N LYS A 405 -6.71 7.07 7.04
CA LYS A 405 -7.09 6.17 8.16
C LYS A 405 -7.62 6.98 9.34
N PRO A 406 -8.88 7.45 9.26
CA PRO A 406 -9.42 8.27 10.36
C PRO A 406 -9.48 7.53 11.70
N LEU A 407 -10.01 6.33 11.72
CA LEU A 407 -10.21 5.62 12.97
C LEU A 407 -8.88 5.40 13.69
N ALA A 408 -7.89 4.93 12.92
CA ALA A 408 -6.55 4.74 13.47
C ALA A 408 -5.99 6.06 13.96
N ALA A 409 -6.22 7.12 13.21
CA ALA A 409 -5.73 8.45 13.57
C ALA A 409 -6.37 8.95 14.86
N PHE A 410 -7.66 8.67 15.01
CA PHE A 410 -8.38 9.09 16.21
C PHE A 410 -7.88 8.30 17.42
N THR A 411 -7.80 6.99 17.27
CA THR A 411 -7.31 6.11 18.34
C THR A 411 -5.97 6.58 18.84
N MET A 412 -5.04 6.80 17.90
CA MET A 412 -3.69 7.24 18.20
C MET A 412 -3.76 8.51 19.04
N PHE A 413 -4.51 9.47 18.53
CA PHE A 413 -4.65 10.78 19.14
C PHE A 413 -5.28 10.71 20.53
N SER A 414 -6.37 9.97 20.65
CA SER A 414 -7.03 9.71 21.94
C SER A 414 -6.08 9.12 22.97
N ARG A 415 -5.31 8.13 22.54
CA ARG A 415 -4.33 7.49 23.41
C ARG A 415 -3.14 8.40 23.73
N PHE A 416 -2.91 9.40 22.88
CA PHE A 416 -1.82 10.37 23.08
C PHE A 416 -2.29 11.37 24.13
N LEU A 417 -3.44 11.98 23.87
CA LEU A 417 -4.02 12.93 24.83
C LEU A 417 -4.15 12.36 26.24
N ASN A 418 -4.53 11.10 26.33
CA ASN A 418 -4.76 10.44 27.60
C ASN A 418 -3.54 9.70 28.19
N LYS A 419 -2.33 10.13 27.86
CA LYS A 419 -1.10 9.53 28.42
C LYS A 419 -1.15 8.00 28.46
N GLN A 420 -1.81 7.39 27.49
CA GLN A 420 -2.06 5.94 27.50
C GLN A 420 -1.11 5.20 26.55
N PRO A 421 -0.85 3.90 26.82
CA PRO A 421 -0.08 3.08 25.88
C PRO A 421 -0.86 2.86 24.58
N TYR A 422 -0.16 2.85 23.45
CA TYR A 422 -0.83 2.83 22.15
C TYR A 422 -1.26 1.42 21.75
N ALA B 1 -14.28 -31.86 -28.70
CA ALA B 1 -14.93 -31.52 -27.40
C ALA B 1 -15.79 -32.70 -26.87
N PRO B 2 -15.52 -33.14 -25.62
CA PRO B 2 -16.36 -34.15 -24.97
C PRO B 2 -17.69 -33.55 -24.54
N ASP B 3 -18.75 -33.93 -25.25
CA ASP B 3 -20.06 -33.31 -25.11
C ASP B 3 -20.61 -33.48 -23.68
N GLN B 4 -20.41 -34.67 -23.11
CA GLN B 4 -20.91 -35.02 -21.78
C GLN B 4 -20.30 -34.14 -20.66
N ASP B 5 -19.11 -33.64 -20.90
CA ASP B 5 -18.47 -32.70 -19.99
C ASP B 5 -19.02 -31.27 -20.11
N GLU B 6 -19.81 -30.97 -21.14
CA GLU B 6 -20.33 -29.62 -21.31
C GLU B 6 -21.13 -29.24 -20.07
N ILE B 7 -21.00 -27.98 -19.66
CA ILE B 7 -21.71 -27.45 -18.52
C ILE B 7 -22.96 -26.77 -19.02
N GLN B 8 -24.12 -27.27 -18.58
CA GLN B 8 -25.38 -26.84 -19.13
C GLN B 8 -25.89 -25.56 -18.44
N ARG B 9 -26.47 -25.71 -17.26
CA ARG B 9 -26.99 -24.56 -16.53
C ARG B 9 -26.29 -24.49 -15.19
N LEU B 10 -25.57 -23.41 -14.98
CA LEU B 10 -24.75 -23.26 -13.79
C LEU B 10 -25.48 -22.43 -12.72
N PRO B 11 -25.81 -23.04 -11.57
CA PRO B 11 -26.55 -22.34 -10.51
C PRO B 11 -25.90 -21.03 -10.07
N GLY B 12 -26.68 -19.96 -9.95
CA GLY B 12 -26.17 -18.67 -9.48
C GLY B 12 -26.00 -17.64 -10.59
N LEU B 13 -26.22 -18.07 -11.83
CA LEU B 13 -26.25 -17.13 -12.96
C LEU B 13 -27.67 -16.68 -13.27
N ALA B 14 -27.87 -15.37 -13.34
CA ALA B 14 -29.14 -14.82 -13.78
C ALA B 14 -29.37 -15.18 -15.24
N LYS B 15 -28.40 -14.88 -16.10
CA LYS B 15 -28.51 -15.21 -17.53
C LYS B 15 -27.32 -16.05 -18.00
N GLN B 16 -27.61 -17.03 -18.86
CA GLN B 16 -26.62 -18.04 -19.24
C GLN B 16 -25.51 -17.46 -20.09
N PRO B 17 -24.32 -18.08 -20.06
CA PRO B 17 -23.13 -17.62 -20.79
C PRO B 17 -23.33 -17.66 -22.28
N SER B 18 -22.71 -16.69 -22.96
CA SER B 18 -22.70 -16.64 -24.41
C SER B 18 -21.65 -17.60 -25.01
N PHE B 19 -20.85 -18.24 -24.16
CA PHE B 19 -19.74 -19.09 -24.58
C PHE B 19 -19.92 -20.49 -24.02
N ARG B 20 -19.37 -21.48 -24.72
CA ARG B 20 -19.36 -22.83 -24.20
C ARG B 20 -18.31 -22.98 -23.08
N GLN B 21 -18.61 -23.88 -22.16
CA GLN B 21 -17.70 -24.25 -21.10
C GLN B 21 -17.90 -25.71 -20.68
N TYR B 22 -16.80 -26.39 -20.40
CA TYR B 22 -16.80 -27.81 -20.11
C TYR B 22 -16.16 -28.07 -18.76
N SER B 23 -16.63 -29.10 -18.04
CA SER B 23 -16.02 -29.50 -16.78
C SER B 23 -16.00 -31.02 -16.65
N GLY B 24 -14.82 -31.59 -16.45
CA GLY B 24 -14.65 -33.03 -16.35
C GLY B 24 -13.26 -33.43 -15.90
N TYR B 25 -12.77 -34.58 -16.36
CA TYR B 25 -11.51 -35.17 -15.85
C TYR B 25 -10.47 -35.52 -16.92
N LEU B 26 -9.22 -35.12 -16.66
CA LEU B 26 -8.11 -35.45 -17.51
C LEU B 26 -7.28 -36.53 -16.85
N LYS B 27 -6.81 -37.49 -17.64
CA LYS B 27 -5.96 -38.55 -17.13
C LYS B 27 -4.54 -38.04 -16.92
N GLY B 28 -3.98 -38.28 -15.74
CA GLY B 28 -2.58 -37.95 -15.49
C GLY B 28 -1.73 -39.23 -15.53
N SER B 29 -0.68 -39.29 -14.72
CA SER B 29 0.09 -40.52 -14.59
C SER B 29 -0.70 -41.51 -13.72
N GLY B 30 -0.27 -42.77 -13.72
CA GLY B 30 -0.87 -43.80 -12.89
C GLY B 30 -2.38 -43.76 -12.92
N SER B 31 -3.01 -43.85 -11.75
CA SER B 31 -4.47 -43.83 -11.65
C SER B 31 -4.97 -42.48 -11.14
N LYS B 32 -4.32 -41.39 -11.55
CA LYS B 32 -4.71 -40.03 -11.13
C LYS B 32 -5.68 -39.33 -12.13
N HIS B 33 -6.68 -38.63 -11.61
CA HIS B 33 -7.67 -37.98 -12.45
C HIS B 33 -7.87 -36.53 -12.01
N LEU B 34 -7.47 -35.59 -12.87
CA LEU B 34 -7.50 -34.17 -12.53
C LEU B 34 -8.76 -33.49 -13.06
N HIS B 35 -9.47 -32.80 -12.17
CA HIS B 35 -10.66 -32.05 -12.58
C HIS B 35 -10.25 -30.79 -13.32
N TYR B 36 -10.90 -30.54 -14.45
CA TYR B 36 -10.65 -29.34 -15.24
C TYR B 36 -11.94 -28.57 -15.41
N TRP B 37 -11.78 -27.28 -15.70
CA TRP B 37 -12.89 -26.38 -16.03
C TRP B 37 -12.39 -25.46 -17.14
N PHE B 38 -12.97 -25.63 -18.33
CA PHE B 38 -12.51 -24.97 -19.54
C PHE B 38 -13.55 -23.94 -19.95
N VAL B 39 -13.15 -22.66 -20.02
CA VAL B 39 -14.07 -21.61 -20.49
C VAL B 39 -13.63 -21.04 -21.84
N GLU B 40 -14.46 -21.25 -22.87
CA GLU B 40 -14.12 -20.83 -24.23
C GLU B 40 -14.00 -19.30 -24.31
N SER B 41 -13.11 -18.82 -25.15
CA SER B 41 -12.99 -17.38 -25.38
C SER B 41 -14.35 -16.80 -25.73
N GLN B 42 -14.69 -15.68 -25.10
CA GLN B 42 -15.95 -14.99 -25.41
C GLN B 42 -15.93 -14.40 -26.82
N LYS B 43 -14.73 -14.32 -27.42
CA LYS B 43 -14.54 -13.71 -28.73
C LYS B 43 -13.74 -14.67 -29.60
N ASP B 44 -14.44 -15.44 -30.42
CA ASP B 44 -13.83 -16.32 -31.40
C ASP B 44 -12.89 -17.37 -30.80
N PRO B 45 -13.48 -18.40 -30.18
CA PRO B 45 -12.74 -19.55 -29.67
C PRO B 45 -11.73 -20.15 -30.67
N GLU B 46 -12.17 -20.35 -31.91
CA GLU B 46 -11.34 -21.01 -32.92
C GLU B 46 -10.01 -20.29 -33.22
N ASN B 47 -9.93 -19.00 -32.87
CA ASN B 47 -8.71 -18.20 -33.09
C ASN B 47 -8.22 -17.46 -31.85
N SER B 48 -8.84 -17.70 -30.70
CA SER B 48 -8.29 -17.24 -29.43
C SER B 48 -7.33 -18.31 -28.88
N PRO B 49 -6.26 -17.88 -28.19
CA PRO B 49 -5.30 -18.87 -27.67
C PRO B 49 -5.82 -19.79 -26.58
N VAL B 50 -4.98 -20.74 -26.19
CA VAL B 50 -5.28 -21.69 -25.14
C VAL B 50 -4.37 -21.40 -23.94
N VAL B 51 -4.99 -21.01 -22.83
CA VAL B 51 -4.28 -20.67 -21.61
C VAL B 51 -4.54 -21.70 -20.49
N LEU B 52 -3.47 -22.26 -19.95
CA LEU B 52 -3.56 -23.13 -18.78
C LEU B 52 -3.32 -22.22 -17.57
N TRP B 53 -4.20 -22.29 -16.58
CA TRP B 53 -3.99 -21.56 -15.36
C TRP B 53 -3.82 -22.54 -14.21
N LEU B 54 -2.72 -22.44 -13.47
CA LEU B 54 -2.50 -23.25 -12.27
C LEU B 54 -2.28 -22.35 -11.07
N ASN B 55 -3.11 -22.51 -10.04
CA ASN B 55 -2.81 -21.94 -8.74
C ASN B 55 -1.80 -22.82 -8.06
N GLY B 56 -1.15 -22.27 -7.04
CA GLY B 56 -0.04 -22.96 -6.39
C GLY B 56 -0.48 -23.74 -5.17
N GLY B 57 0.12 -23.39 -4.04
CA GLY B 57 -0.16 -24.03 -2.76
C GLY B 57 1.16 -24.37 -2.08
N PRO B 58 1.69 -25.58 -2.35
CA PRO B 58 1.08 -26.70 -3.10
C PRO B 58 -0.09 -27.29 -2.33
N GLY B 59 -1.11 -27.72 -3.05
CA GLY B 59 -2.32 -28.24 -2.44
C GLY B 59 -3.54 -27.40 -2.67
N CYS B 60 -3.39 -26.21 -3.26
CA CYS B 60 -4.51 -25.29 -3.49
C CYS B 60 -5.10 -25.35 -4.90
N SER B 61 -6.37 -24.97 -5.00
CA SER B 61 -7.18 -25.20 -6.19
C SER B 61 -7.10 -24.09 -7.18
N SER B 62 -7.06 -24.46 -8.45
CA SER B 62 -7.14 -23.50 -9.57
C SER B 62 -8.57 -22.98 -9.80
N LEU B 63 -9.56 -23.49 -9.07
CA LEU B 63 -10.91 -22.94 -9.17
C LEU B 63 -11.03 -21.67 -8.36
N ASP B 64 -10.11 -21.47 -7.41
CA ASP B 64 -9.97 -20.17 -6.77
C ASP B 64 -9.68 -19.12 -7.85
N GLY B 65 -8.75 -19.44 -8.75
CA GLY B 65 -8.41 -18.58 -9.87
C GLY B 65 -9.64 -18.17 -10.64
N LEU B 66 -10.41 -19.18 -11.04
CA LEU B 66 -11.66 -18.93 -11.75
C LEU B 66 -12.61 -18.06 -10.94
N LEU B 67 -12.96 -18.53 -9.74
CA LEU B 67 -14.08 -17.97 -8.99
C LEU B 67 -13.79 -16.70 -8.20
N THR B 68 -12.49 -16.40 -7.97
CA THR B 68 -12.14 -15.20 -7.22
C THR B 68 -11.10 -14.29 -7.87
N GLU B 69 -10.53 -14.68 -9.01
CA GLU B 69 -9.48 -13.89 -9.66
C GLU B 69 -9.82 -13.38 -11.07
N HIS B 70 -9.92 -14.27 -12.04
CA HIS B 70 -10.12 -13.82 -13.43
C HIS B 70 -11.00 -14.71 -14.29
N GLY B 71 -11.87 -15.50 -13.67
CA GLY B 71 -12.81 -16.30 -14.42
C GLY B 71 -13.84 -15.37 -14.99
N PRO B 72 -14.67 -15.88 -15.92
CA PRO B 72 -15.78 -15.12 -16.50
C PRO B 72 -16.80 -14.65 -15.48
N PHE B 73 -16.89 -15.35 -14.35
CA PHE B 73 -17.79 -14.95 -13.28
C PHE B 73 -17.17 -15.25 -11.94
N LEU B 74 -17.47 -14.41 -10.96
CA LEU B 74 -16.91 -14.55 -9.64
C LEU B 74 -18.03 -14.81 -8.63
N VAL B 75 -17.82 -15.80 -7.76
CA VAL B 75 -18.71 -16.03 -6.65
C VAL B 75 -18.78 -14.80 -5.74
N GLN B 76 -19.99 -14.47 -5.28
CA GLN B 76 -20.26 -13.33 -4.40
C GLN B 76 -20.34 -13.79 -2.94
N PRO B 77 -20.29 -12.85 -1.98
CA PRO B 77 -20.11 -13.20 -0.56
C PRO B 77 -21.18 -14.11 0.08
N ASP B 78 -22.37 -14.16 -0.53
CA ASP B 78 -23.44 -15.07 -0.05
C ASP B 78 -23.17 -16.54 -0.37
N GLY B 79 -22.12 -16.84 -1.12
CA GLY B 79 -21.79 -18.22 -1.47
C GLY B 79 -22.70 -18.85 -2.50
N VAL B 80 -23.65 -18.08 -3.01
CA VAL B 80 -24.72 -18.61 -3.85
C VAL B 80 -24.77 -17.94 -5.23
N THR B 81 -24.62 -16.62 -5.25
CA THR B 81 -24.73 -15.85 -6.47
C THR B 81 -23.38 -15.73 -7.17
N LEU B 82 -23.40 -15.88 -8.50
CA LEU B 82 -22.25 -15.62 -9.36
C LEU B 82 -22.54 -14.34 -10.16
N GLU B 83 -21.56 -13.44 -10.23
CA GLU B 83 -21.67 -12.24 -11.08
C GLU B 83 -20.62 -12.32 -12.18
N TYR B 84 -20.98 -11.88 -13.39
CA TYR B 84 -20.03 -11.88 -14.49
C TYR B 84 -18.89 -10.96 -14.16
N ASN B 85 -17.74 -11.22 -14.77
CA ASN B 85 -16.53 -10.48 -14.55
C ASN B 85 -16.15 -9.74 -15.82
N PRO B 86 -16.27 -8.40 -15.84
CA PRO B 86 -15.96 -7.62 -17.04
C PRO B 86 -14.49 -7.62 -17.43
N TYR B 87 -13.62 -8.02 -16.49
CA TYR B 87 -12.18 -8.08 -16.74
C TYR B 87 -11.71 -9.53 -16.86
N SER B 88 -12.61 -10.46 -17.17
CA SER B 88 -12.24 -11.88 -17.23
C SER B 88 -11.25 -12.18 -18.34
N TRP B 89 -10.34 -13.10 -18.05
CA TRP B 89 -9.30 -13.46 -19.01
C TRP B 89 -9.86 -14.23 -20.20
N ASN B 90 -10.99 -14.90 -20.00
CA ASN B 90 -11.61 -15.61 -21.13
C ASN B 90 -12.37 -14.66 -22.08
N LEU B 91 -12.20 -13.35 -21.90
CA LEU B 91 -12.69 -12.40 -22.90
C LEU B 91 -11.93 -12.59 -24.21
N ILE B 92 -10.66 -12.93 -24.09
CA ILE B 92 -9.76 -13.02 -25.24
C ILE B 92 -8.94 -14.30 -25.25
N ALA B 93 -9.36 -15.31 -24.48
CA ALA B 93 -8.61 -16.55 -24.44
C ALA B 93 -9.46 -17.73 -24.03
N ASN B 94 -9.03 -18.92 -24.42
CA ASN B 94 -9.63 -20.15 -23.93
C ASN B 94 -8.81 -20.57 -22.71
N VAL B 95 -9.41 -20.43 -21.53
CA VAL B 95 -8.68 -20.58 -20.28
C VAL B 95 -9.01 -21.95 -19.69
N LEU B 96 -7.98 -22.76 -19.45
CA LEU B 96 -8.15 -24.10 -18.88
C LEU B 96 -7.71 -24.11 -17.41
N TYR B 97 -8.68 -24.04 -16.49
CA TYR B 97 -8.39 -24.04 -15.04
C TYR B 97 -8.26 -25.48 -14.58
N LEU B 98 -7.08 -25.88 -14.14
CA LEU B 98 -6.81 -27.28 -13.81
C LEU B 98 -6.54 -27.51 -12.32
N GLU B 99 -7.38 -28.32 -11.66
CA GLU B 99 -7.16 -28.65 -10.25
C GLU B 99 -6.09 -29.74 -10.12
N SER B 100 -4.98 -29.38 -9.52
CA SER B 100 -3.83 -30.25 -9.50
C SER B 100 -2.91 -29.88 -8.34
N PRO B 101 -2.10 -30.85 -7.86
CA PRO B 101 -2.01 -32.24 -8.29
C PRO B 101 -3.15 -33.11 -7.73
N ALA B 102 -3.11 -34.40 -8.03
CA ALA B 102 -4.10 -35.36 -7.51
C ALA B 102 -4.45 -35.13 -6.04
N GLY B 103 -5.73 -34.90 -5.77
CA GLY B 103 -6.24 -34.77 -4.40
C GLY B 103 -6.75 -33.37 -4.10
N VAL B 104 -6.23 -32.39 -4.83
CA VAL B 104 -6.65 -31.00 -4.70
C VAL B 104 -8.05 -30.83 -5.29
N GLY B 105 -8.90 -30.09 -4.59
CA GLY B 105 -10.25 -29.79 -5.06
C GLY B 105 -11.09 -31.02 -5.33
N PHE B 106 -11.56 -31.15 -6.57
CA PHE B 106 -12.33 -32.32 -7.01
C PHE B 106 -11.44 -33.36 -7.71
N SER B 107 -10.15 -33.11 -7.79
CA SER B 107 -9.23 -34.07 -8.40
C SER B 107 -8.93 -35.19 -7.40
N TYR B 108 -8.79 -36.40 -7.91
CA TYR B 108 -8.52 -37.58 -7.09
C TYR B 108 -7.65 -38.58 -7.82
N SER B 109 -7.32 -39.66 -7.11
CA SER B 109 -6.76 -40.86 -7.73
C SER B 109 -7.48 -42.08 -7.18
N ASP B 110 -7.49 -43.17 -7.95
CA ASP B 110 -8.14 -44.41 -7.51
C ASP B 110 -7.57 -44.93 -6.20
N ASP B 111 -6.24 -44.91 -6.07
CA ASP B 111 -5.59 -45.39 -4.86
C ASP B 111 -5.56 -44.37 -3.73
N LYS B 112 -5.94 -43.13 -4.00
CA LYS B 112 -5.97 -42.07 -2.98
C LYS B 112 -4.65 -41.75 -2.29
N PHE B 113 -3.52 -42.17 -2.86
CA PHE B 113 -2.21 -41.80 -2.30
C PHE B 113 -1.83 -40.45 -2.89
N TYR B 114 -1.82 -39.41 -2.06
CA TYR B 114 -1.65 -38.05 -2.57
C TYR B 114 -0.32 -37.39 -2.24
N ALA B 115 0.56 -38.12 -1.56
CA ALA B 115 1.95 -37.66 -1.40
C ALA B 115 2.55 -37.62 -2.80
N THR B 116 3.23 -36.53 -3.11
CA THR B 116 3.78 -36.35 -4.45
C THR B 116 4.96 -35.38 -4.37
N ASN B 117 5.52 -35.03 -5.53
CA ASN B 117 6.67 -34.14 -5.59
C ASN B 117 6.77 -33.44 -6.95
N ASP B 118 7.64 -32.44 -7.03
CA ASP B 118 7.72 -31.54 -8.19
C ASP B 118 7.83 -32.29 -9.53
N THR B 119 8.70 -33.30 -9.60
CA THR B 119 8.91 -34.06 -10.83
C THR B 119 7.68 -34.88 -11.20
N GLU B 120 7.02 -35.45 -10.19
CA GLU B 120 5.83 -36.24 -10.45
C GLU B 120 4.65 -35.36 -10.86
N VAL B 121 4.50 -34.22 -10.21
CA VAL B 121 3.42 -33.31 -10.54
C VAL B 121 3.59 -32.77 -11.95
N ALA B 122 4.84 -32.45 -12.30
CA ALA B 122 5.13 -31.93 -13.63
C ALA B 122 4.66 -32.94 -14.66
N GLN B 123 5.11 -34.18 -14.50
CA GLN B 123 4.74 -35.27 -15.39
C GLN B 123 3.23 -35.48 -15.44
N SER B 124 2.58 -35.36 -14.29
CA SER B 124 1.15 -35.55 -14.19
C SER B 124 0.40 -34.50 -15.00
N ASN B 125 0.80 -33.24 -14.85
CA ASN B 125 0.20 -32.12 -15.62
C ASN B 125 0.44 -32.27 -17.09
N PHE B 126 1.67 -32.65 -17.44
CA PHE B 126 2.02 -32.87 -18.82
C PHE B 126 1.09 -33.90 -19.45
N GLU B 127 0.89 -35.02 -18.75
CA GLU B 127 0.06 -36.10 -19.28
C GLU B 127 -1.41 -35.68 -19.35
N ALA B 128 -1.84 -34.89 -18.38
CA ALA B 128 -3.19 -34.33 -18.40
C ALA B 128 -3.41 -33.36 -19.55
N LEU B 129 -2.39 -32.57 -19.85
CA LEU B 129 -2.42 -31.67 -21.00
C LEU B 129 -2.48 -32.51 -22.28
N GLN B 130 -1.70 -33.59 -22.35
CA GLN B 130 -1.84 -34.57 -23.44
C GLN B 130 -3.28 -35.08 -23.54
N ASP B 131 -3.82 -35.60 -22.45
CA ASP B 131 -5.20 -36.12 -22.44
C ASP B 131 -6.20 -35.05 -22.87
N PHE B 132 -5.87 -33.78 -22.62
CA PHE B 132 -6.76 -32.68 -22.98
C PHE B 132 -6.96 -32.63 -24.47
N PHE B 133 -5.84 -32.69 -25.20
CA PHE B 133 -5.88 -32.54 -26.65
C PHE B 133 -6.45 -33.76 -27.36
N ARG B 134 -6.45 -34.92 -26.70
CA ARG B 134 -7.17 -36.09 -27.23
C ARG B 134 -8.67 -35.81 -27.21
N LEU B 135 -9.11 -35.14 -26.14
CA LEU B 135 -10.51 -34.81 -25.93
C LEU B 135 -10.91 -33.55 -26.69
N PHE B 136 -9.97 -32.62 -26.81
CA PHE B 136 -10.21 -31.36 -27.53
C PHE B 136 -9.24 -31.22 -28.69
N PRO B 137 -9.31 -32.12 -29.69
CA PRO B 137 -8.35 -32.07 -30.81
C PRO B 137 -8.39 -30.79 -31.65
N GLU B 138 -9.58 -30.17 -31.74
CA GLU B 138 -9.78 -28.92 -32.49
C GLU B 138 -9.02 -27.71 -31.93
N TYR B 139 -8.45 -27.87 -30.74
CA TYR B 139 -7.65 -26.82 -30.08
C TYR B 139 -6.14 -27.10 -30.12
N LYS B 140 -5.74 -28.17 -30.79
CA LYS B 140 -4.32 -28.49 -30.93
C LYS B 140 -3.56 -27.45 -31.73
N ASN B 141 -4.24 -26.71 -32.61
CA ASN B 141 -3.58 -25.70 -33.43
C ASN B 141 -3.36 -24.37 -32.72
N ASN B 142 -4.26 -24.08 -31.78
CA ASN B 142 -4.29 -22.79 -31.12
C ASN B 142 -2.98 -22.49 -30.40
N LYS B 143 -2.65 -21.20 -30.30
CA LYS B 143 -1.49 -20.79 -29.55
C LYS B 143 -1.70 -21.23 -28.10
N LEU B 144 -0.67 -21.82 -27.49
CA LEU B 144 -0.78 -22.41 -26.15
C LEU B 144 0.12 -21.71 -25.15
N PHE B 145 -0.49 -21.10 -24.14
CA PHE B 145 0.25 -20.46 -23.06
C PHE B 145 0.04 -21.19 -21.72
N LEU B 146 1.13 -21.27 -20.97
CA LEU B 146 1.13 -21.87 -19.65
C LEU B 146 1.23 -20.74 -18.63
N THR B 147 0.21 -20.59 -17.78
CA THR B 147 0.19 -19.51 -16.79
C THR B 147 -0.14 -20.07 -15.43
N GLY B 148 0.39 -19.43 -14.40
CA GLY B 148 0.16 -19.88 -13.03
C GLY B 148 0.46 -18.80 -12.03
N GLU B 149 0.31 -19.16 -10.75
CA GLU B 149 0.54 -18.22 -9.66
C GLU B 149 1.20 -18.94 -8.51
N SER B 150 1.87 -18.18 -7.63
CA SER B 150 2.29 -18.71 -6.32
C SER B 150 3.27 -19.89 -6.51
N TYR B 151 3.09 -21.01 -5.84
CA TYR B 151 3.95 -22.18 -6.03
C TYR B 151 4.02 -22.64 -7.50
N ALA B 152 3.10 -22.18 -8.35
CA ALA B 152 3.17 -22.52 -9.78
C ALA B 152 4.35 -21.84 -10.47
N GLY B 153 5.09 -20.99 -9.75
CA GLY B 153 6.42 -20.56 -10.19
C GLY B 153 7.36 -21.75 -10.32
N ILE B 154 7.02 -22.87 -9.66
CA ILE B 154 7.67 -24.17 -9.84
C ILE B 154 6.92 -25.07 -10.81
N TYR B 155 5.60 -25.18 -10.63
CA TYR B 155 4.81 -26.02 -11.53
C TYR B 155 5.08 -25.67 -13.00
N ILE B 156 5.03 -24.37 -13.31
CA ILE B 156 4.96 -23.91 -14.71
C ILE B 156 6.26 -24.07 -15.52
N PRO B 157 7.40 -23.58 -15.00
CA PRO B 157 8.61 -23.81 -15.76
C PRO B 157 8.95 -25.28 -15.91
N THR B 158 8.75 -26.07 -14.86
CA THR B 158 9.06 -27.51 -14.91
C THR B 158 8.16 -28.20 -15.93
N LEU B 159 6.89 -27.81 -15.93
CA LEU B 159 5.93 -28.30 -16.90
C LEU B 159 6.38 -27.90 -18.29
N ALA B 160 6.67 -26.61 -18.46
CA ALA B 160 7.01 -26.03 -19.77
C ALA B 160 8.13 -26.80 -20.43
N VAL B 161 9.14 -27.17 -19.65
CA VAL B 161 10.22 -28.00 -20.15
C VAL B 161 9.72 -29.30 -20.76
N LEU B 162 8.80 -29.98 -20.09
CA LEU B 162 8.22 -31.20 -20.65
C LEU B 162 7.43 -30.89 -21.93
N VAL B 163 6.72 -29.76 -21.94
CA VAL B 163 5.92 -29.35 -23.10
C VAL B 163 6.86 -28.99 -24.26
N MET B 164 7.98 -28.36 -23.92
CA MET B 164 9.01 -27.99 -24.87
C MET B 164 9.50 -29.21 -25.66
N GLN B 165 9.52 -30.37 -24.99
CA GLN B 165 9.92 -31.63 -25.63
C GLN B 165 8.89 -32.17 -26.64
N ASP B 166 7.62 -31.74 -26.56
CA ASP B 166 6.58 -32.27 -27.45
C ASP B 166 6.13 -31.24 -28.50
N PRO B 167 6.62 -31.38 -29.75
CA PRO B 167 6.34 -30.38 -30.78
C PRO B 167 4.92 -30.46 -31.37
N SER B 168 4.19 -31.51 -31.02
CA SER B 168 2.75 -31.57 -31.27
C SER B 168 2.02 -30.45 -30.52
N MET B 169 2.51 -30.10 -29.32
CA MET B 169 1.95 -28.98 -28.56
C MET B 169 2.55 -27.65 -29.02
N ASN B 170 1.66 -26.67 -29.31
CA ASN B 170 2.04 -25.38 -29.90
C ASN B 170 2.35 -24.31 -28.84
N LEU B 171 3.34 -24.60 -28.00
CA LEU B 171 3.71 -23.71 -26.90
C LEU B 171 4.24 -22.38 -27.41
N GLN B 172 3.60 -21.27 -27.04
CA GLN B 172 4.09 -19.96 -27.45
C GLN B 172 4.68 -19.15 -26.30
N GLY B 173 4.13 -19.27 -25.10
CA GLY B 173 4.71 -18.61 -23.93
C GLY B 173 4.23 -19.10 -22.57
N LEU B 174 4.77 -18.47 -21.53
CA LEU B 174 4.34 -18.74 -20.16
C LEU B 174 4.40 -17.48 -19.27
N ALA B 175 3.46 -17.37 -18.33
CA ALA B 175 3.44 -16.24 -17.41
C ALA B 175 3.23 -16.71 -15.96
N VAL B 176 3.95 -16.11 -15.02
CA VAL B 176 3.90 -16.51 -13.61
C VAL B 176 3.64 -15.29 -12.70
N GLY B 177 2.54 -15.36 -11.94
CA GLY B 177 2.15 -14.28 -11.02
C GLY B 177 2.63 -14.54 -9.61
N ASN B 178 3.33 -13.56 -9.03
CA ASN B 178 3.96 -13.72 -7.75
C ASN B 178 4.42 -15.16 -7.55
N GLY B 179 5.32 -15.57 -8.43
CA GLY B 179 5.81 -16.93 -8.44
C GLY B 179 6.95 -17.12 -7.48
N LEU B 180 7.15 -18.39 -7.12
CA LEU B 180 8.31 -18.82 -6.37
C LEU B 180 9.31 -19.37 -7.38
N SER B 181 10.23 -18.50 -7.80
CA SER B 181 11.27 -18.86 -8.76
C SER B 181 12.57 -19.29 -8.09
N SER B 182 12.89 -18.68 -6.95
CA SER B 182 14.08 -19.05 -6.18
C SER B 182 13.89 -18.80 -4.70
N TYR B 183 13.94 -19.86 -3.90
CA TYR B 183 13.82 -19.72 -2.43
C TYR B 183 14.84 -18.74 -1.86
N GLU B 184 16.08 -18.80 -2.35
CA GLU B 184 17.16 -17.98 -1.80
C GLU B 184 16.88 -16.49 -2.01
N GLN B 185 16.55 -16.12 -3.24
CA GLN B 185 16.29 -14.70 -3.54
C GLN B 185 14.98 -14.22 -2.88
N ASN B 186 14.00 -15.10 -2.83
CA ASN B 186 12.75 -14.80 -2.15
C ASN B 186 13.01 -14.49 -0.70
N ASP B 187 13.83 -15.33 -0.05
CA ASP B 187 14.07 -15.23 1.39
C ASP B 187 14.95 -14.04 1.73
N ASN B 188 16.05 -13.84 1.01
CA ASN B 188 16.89 -12.68 1.21
C ASN B 188 16.12 -11.38 0.94
N SER B 189 15.40 -11.30 -0.18
CA SER B 189 14.66 -10.08 -0.54
C SER B 189 13.52 -9.75 0.43
N LEU B 190 12.83 -10.76 0.93
CA LEU B 190 11.75 -10.58 1.90
C LEU B 190 12.23 -9.84 3.13
N VAL B 191 13.44 -10.14 3.57
CA VAL B 191 13.94 -9.54 4.80
C VAL B 191 14.19 -8.06 4.60
N TYR B 192 14.81 -7.69 3.48
CA TYR B 192 14.92 -6.27 3.11
C TYR B 192 13.51 -5.68 2.99
N PHE B 193 12.62 -6.42 2.33
CA PHE B 193 11.26 -5.95 2.16
C PHE B 193 10.69 -5.56 3.51
N ALA B 194 10.83 -6.45 4.48
CA ALA B 194 10.23 -6.27 5.80
C ALA B 194 10.76 -5.00 6.44
N TYR B 195 12.07 -4.78 6.38
CA TYR B 195 12.66 -3.61 7.06
C TYR B 195 12.16 -2.32 6.44
N TYR B 196 12.26 -2.25 5.12
CA TYR B 196 12.00 -1.02 4.38
C TYR B 196 10.52 -0.73 4.20
N HIS B 197 9.66 -1.68 4.57
CA HIS B 197 8.22 -1.46 4.66
C HIS B 197 7.79 -1.30 6.10
N GLY B 198 8.74 -1.12 7.02
CA GLY B 198 8.43 -0.59 8.36
C GLY B 198 8.03 -1.60 9.42
N LEU B 199 8.42 -2.85 9.21
CA LEU B 199 8.00 -3.92 10.10
C LEU B 199 9.07 -4.30 11.13
N LEU B 200 10.30 -3.83 10.96
CA LEU B 200 11.45 -4.38 11.71
C LEU B 200 12.12 -3.44 12.69
N GLY B 201 12.32 -2.19 12.28
CA GLY B 201 13.03 -1.25 13.14
C GLY B 201 14.52 -1.53 13.18
N ASN B 202 15.24 -0.60 13.79
CA ASN B 202 16.69 -0.53 13.66
C ASN B 202 17.50 -1.49 14.53
N ARG B 203 17.04 -1.77 15.74
CA ARG B 203 17.76 -2.71 16.61
C ARG B 203 17.79 -4.07 15.92
N LEU B 204 16.63 -4.53 15.48
CA LEU B 204 16.54 -5.80 14.77
C LEU B 204 17.28 -5.77 13.43
N TRP B 205 17.09 -4.70 12.64
CA TRP B 205 17.87 -4.55 11.41
C TRP B 205 19.39 -4.63 11.69
N SER B 206 19.88 -3.89 12.69
CA SER B 206 21.30 -3.95 13.05
C SER B 206 21.74 -5.37 13.36
N SER B 207 20.97 -6.07 14.19
CA SER B 207 21.34 -7.40 14.60
C SER B 207 21.48 -8.26 13.36
N LEU B 208 20.44 -8.25 12.53
CA LEU B 208 20.42 -9.01 11.28
C LEU B 208 21.67 -8.75 10.43
N GLN B 209 21.97 -7.48 10.15
CA GLN B 209 23.20 -7.10 9.44
C GLN B 209 24.45 -7.69 10.11
N THR B 210 24.54 -7.50 11.42
CA THR B 210 25.69 -7.96 12.19
C THR B 210 25.93 -9.45 12.04
N HIS B 211 24.88 -10.26 12.26
CA HIS B 211 25.01 -11.71 12.37
C HIS B 211 24.81 -12.46 11.07
N CYS B 212 24.06 -11.87 10.15
CA CYS B 212 23.74 -12.54 8.90
C CYS B 212 24.48 -11.99 7.72
N CYS B 213 25.26 -10.93 7.92
CA CYS B 213 25.87 -10.23 6.78
C CYS B 213 27.28 -9.78 7.09
N SER B 214 28.18 -10.07 6.16
CA SER B 214 29.53 -9.55 6.24
C SER B 214 29.82 -8.76 4.97
N GLN B 215 30.22 -7.50 5.14
CA GLN B 215 30.73 -6.68 4.03
C GLN B 215 29.70 -6.52 2.92
N ASN B 216 28.46 -6.33 3.33
CA ASN B 216 27.36 -5.95 2.44
C ASN B 216 26.92 -6.98 1.42
N LYS B 217 27.02 -8.25 1.78
CA LYS B 217 26.29 -9.31 1.09
C LYS B 217 25.78 -10.24 2.18
N CYS B 218 24.44 -10.35 2.25
CA CYS B 218 23.76 -10.99 3.36
C CYS B 218 23.44 -12.41 3.01
N ASN B 219 23.42 -13.28 4.02
CA ASN B 219 22.82 -14.58 3.87
C ASN B 219 21.67 -14.68 4.86
N PHE B 220 20.45 -14.46 4.38
CA PHE B 220 19.26 -14.70 5.17
C PHE B 220 18.63 -16.01 4.76
N TYR B 221 19.26 -16.70 3.81
CA TYR B 221 18.72 -17.94 3.30
C TYR B 221 19.05 -19.17 4.17
N ASP B 222 20.32 -19.55 4.19
CA ASP B 222 20.74 -20.79 4.84
C ASP B 222 21.88 -20.55 5.79
N ASN B 223 21.86 -19.38 6.42
CA ASN B 223 22.93 -18.95 7.31
C ASN B 223 22.99 -19.85 8.54
N LYS B 224 24.21 -20.25 8.90
CA LYS B 224 24.41 -21.18 10.00
C LYS B 224 24.73 -20.46 11.31
N ASP B 225 24.95 -19.15 11.26
CA ASP B 225 25.21 -18.39 12.46
C ASP B 225 23.98 -18.47 13.36
N LEU B 226 24.18 -18.97 14.58
CA LEU B 226 23.08 -19.22 15.52
C LEU B 226 22.39 -17.94 16.00
N GLU B 227 23.15 -16.85 16.08
CA GLU B 227 22.60 -15.55 16.41
C GLU B 227 21.80 -15.00 15.23
N CYS B 228 22.22 -15.31 14.00
CA CYS B 228 21.44 -14.97 12.80
C CYS B 228 20.11 -15.71 12.80
N VAL B 229 20.15 -17.00 13.10
CA VAL B 229 18.92 -17.80 13.11
C VAL B 229 17.90 -17.25 14.10
N THR B 230 18.35 -16.86 15.28
CA THR B 230 17.43 -16.33 16.29
C THR B 230 16.70 -15.09 15.77
N ASN B 231 17.39 -14.28 14.98
CA ASN B 231 16.79 -13.09 14.39
C ASN B 231 15.92 -13.38 13.17
N LEU B 232 16.38 -14.30 12.31
CA LEU B 232 15.55 -14.69 11.18
C LEU B 232 14.22 -15.27 11.68
N GLN B 233 14.28 -16.00 12.79
CA GLN B 233 13.07 -16.50 13.43
C GLN B 233 12.14 -15.37 13.88
N GLU B 234 12.72 -14.32 14.44
CA GLU B 234 11.95 -13.14 14.82
C GLU B 234 11.28 -12.53 13.59
N VAL B 235 12.06 -12.31 12.53
CA VAL B 235 11.50 -11.82 11.26
C VAL B 235 10.37 -12.72 10.80
N ALA B 236 10.61 -14.02 10.75
CA ALA B 236 9.57 -14.96 10.37
C ALA B 236 8.29 -14.76 11.21
N ARG B 237 8.45 -14.52 12.51
CA ARG B 237 7.30 -14.32 13.40
C ARG B 237 6.57 -13.00 13.08
N ILE B 238 7.31 -11.95 12.78
CA ILE B 238 6.67 -10.66 12.51
C ILE B 238 5.89 -10.71 11.20
N VAL B 239 6.54 -11.23 10.16
CA VAL B 239 5.97 -11.25 8.83
C VAL B 239 4.78 -12.20 8.75
N GLY B 240 4.96 -13.43 9.21
CA GLY B 240 4.04 -14.50 8.94
C GLY B 240 3.09 -14.84 10.08
N ASN B 241 3.42 -14.45 11.30
CA ASN B 241 2.75 -15.03 12.47
C ASN B 241 2.38 -14.05 13.55
N SER B 242 1.98 -12.84 13.17
CA SER B 242 1.69 -11.82 14.15
C SER B 242 0.54 -10.89 13.81
N GLY B 243 -0.29 -11.24 12.82
CA GLY B 243 -1.48 -10.43 12.47
C GLY B 243 -1.49 -9.75 11.09
N LEU B 244 -0.34 -9.64 10.44
CA LEU B 244 -0.29 -9.01 9.12
C LEU B 244 -0.81 -9.94 8.05
N ASN B 245 -1.21 -9.34 6.94
CA ASN B 245 -1.65 -10.13 5.80
C ASN B 245 -0.48 -10.35 4.86
N ILE B 246 0.08 -11.55 4.93
CA ILE B 246 1.27 -11.92 4.18
C ILE B 246 1.05 -11.83 2.67
N TYR B 247 -0.18 -12.06 2.24
CA TYR B 247 -0.55 -11.98 0.82
C TYR B 247 -0.66 -10.51 0.36
N ASN B 248 -0.98 -9.61 1.30
CA ASN B 248 -1.15 -8.21 0.98
C ASN B 248 -1.04 -7.36 2.24
N LEU B 249 0.13 -6.77 2.43
CA LEU B 249 0.49 -6.06 3.64
C LEU B 249 -0.43 -4.94 4.06
N TYR B 250 -1.12 -4.31 3.11
CA TYR B 250 -1.95 -3.14 3.41
C TYR B 250 -3.41 -3.49 3.55
N ALA B 251 -3.69 -4.79 3.45
CA ALA B 251 -5.04 -5.33 3.65
C ALA B 251 -5.22 -5.92 5.05
N PRO B 252 -6.44 -5.82 5.60
CA PRO B 252 -6.72 -6.46 6.88
C PRO B 252 -6.66 -7.98 6.76
N CYS B 253 -6.32 -8.66 7.87
CA CYS B 253 -6.24 -10.11 7.89
C CYS B 253 -7.62 -10.65 8.19
N ALA B 254 -8.17 -11.44 7.27
CA ALA B 254 -9.51 -12.00 7.42
C ALA B 254 -9.75 -12.60 8.81
N GLY B 255 -10.71 -12.04 9.53
CA GLY B 255 -11.15 -12.61 10.81
C GLY B 255 -10.27 -12.23 11.99
N GLY B 256 -9.95 -10.93 12.08
CA GLY B 256 -9.21 -10.39 13.22
C GLY B 256 -7.80 -10.92 13.32
N VAL B 257 -7.13 -10.55 14.41
CA VAL B 257 -5.76 -11.02 14.65
C VAL B 257 -5.78 -12.17 15.68
N PRO B 258 -5.39 -13.39 15.23
CA PRO B 258 -5.53 -14.61 16.05
C PRO B 258 -5.16 -14.46 17.53
N ARG B 268 -8.89 -28.24 8.69
CA ARG B 268 -8.81 -27.74 7.32
C ARG B 268 -7.79 -26.63 7.18
N MET B 269 -7.00 -26.68 6.11
CA MET B 269 -6.01 -25.65 5.81
C MET B 269 -6.58 -24.68 4.78
N ASP B 270 -6.89 -23.48 5.26
CA ASP B 270 -7.11 -22.37 4.36
C ASP B 270 -5.75 -21.76 4.18
N PRO B 271 -5.57 -20.97 3.11
CA PRO B 271 -4.44 -20.06 3.09
C PRO B 271 -4.59 -19.07 4.24
N PRO B 272 -3.48 -18.54 4.77
CA PRO B 272 -3.61 -17.66 5.93
C PRO B 272 -4.17 -16.28 5.57
N CYS B 273 -4.88 -15.67 6.52
CA CYS B 273 -5.57 -14.39 6.36
C CYS B 273 -6.58 -14.39 5.22
N THR B 274 -7.02 -15.56 4.79
CA THR B 274 -7.93 -15.70 3.66
C THR B 274 -9.26 -16.33 4.10
N ASN B 275 -10.38 -15.68 3.77
CA ASN B 275 -11.71 -16.27 3.93
C ASN B 275 -12.08 -17.05 2.66
N THR B 276 -12.30 -18.36 2.80
CA THR B 276 -12.62 -19.21 1.65
C THR B 276 -14.08 -19.68 1.69
N THR B 277 -14.92 -18.98 2.48
CA THR B 277 -16.29 -19.41 2.66
C THR B 277 -17.07 -19.28 1.36
N ALA B 278 -17.02 -18.09 0.76
CA ALA B 278 -17.82 -17.83 -0.43
C ALA B 278 -17.70 -18.94 -1.48
N ALA B 279 -16.48 -19.30 -1.83
CA ALA B 279 -16.24 -20.29 -2.89
C ALA B 279 -16.61 -21.71 -2.47
N SER B 280 -16.25 -22.09 -1.24
CA SER B 280 -16.54 -23.40 -0.71
C SER B 280 -18.04 -23.63 -0.63
N THR B 281 -18.74 -22.68 -0.03
CA THR B 281 -20.19 -22.73 0.04
C THR B 281 -20.75 -23.03 -1.33
N TYR B 282 -20.23 -22.34 -2.33
CA TYR B 282 -20.76 -22.46 -3.68
C TYR B 282 -20.50 -23.84 -4.25
N LEU B 283 -19.22 -24.25 -4.30
CA LEU B 283 -18.82 -25.50 -4.95
C LEU B 283 -19.27 -26.80 -4.24
N ASN B 284 -19.60 -26.73 -2.97
CA ASN B 284 -20.14 -27.89 -2.24
C ASN B 284 -21.65 -28.07 -2.42
N ASN B 285 -22.33 -27.04 -2.96
CA ASN B 285 -23.72 -27.17 -3.37
C ASN B 285 -23.88 -28.40 -4.28
N PRO B 286 -24.64 -29.42 -3.83
CA PRO B 286 -24.77 -30.65 -4.61
C PRO B 286 -25.19 -30.43 -6.07
N TYR B 287 -25.98 -29.39 -6.31
CA TYR B 287 -26.42 -29.06 -7.67
C TYR B 287 -25.27 -28.50 -8.52
N VAL B 288 -24.35 -27.77 -7.89
CA VAL B 288 -23.16 -27.29 -8.58
C VAL B 288 -22.25 -28.45 -8.98
N ARG B 289 -22.02 -29.38 -8.05
CA ARG B 289 -21.24 -30.59 -8.33
C ARG B 289 -21.83 -31.37 -9.51
N LYS B 290 -23.16 -31.49 -9.53
CA LYS B 290 -23.89 -32.12 -10.63
C LYS B 290 -23.67 -31.38 -11.97
N ALA B 291 -23.80 -30.05 -11.93
CA ALA B 291 -23.65 -29.22 -13.13
C ALA B 291 -22.25 -29.33 -13.72
N LEU B 292 -21.29 -29.59 -12.84
CA LEU B 292 -19.89 -29.71 -13.17
C LEU B 292 -19.46 -31.16 -13.27
N ASN B 293 -20.44 -32.06 -13.42
CA ASN B 293 -20.15 -33.47 -13.72
C ASN B 293 -19.16 -34.09 -12.71
N ILE B 294 -19.34 -33.76 -11.44
CA ILE B 294 -18.48 -34.29 -10.39
C ILE B 294 -19.15 -35.56 -9.87
N PRO B 295 -18.39 -36.66 -9.79
CA PRO B 295 -18.96 -37.85 -9.17
C PRO B 295 -19.28 -37.62 -7.69
N GLU B 296 -20.40 -38.18 -7.24
CA GLU B 296 -20.93 -37.92 -5.90
C GLU B 296 -20.00 -38.36 -4.78
N GLN B 297 -19.41 -39.54 -4.89
CA GLN B 297 -18.67 -40.15 -3.77
C GLN B 297 -17.46 -39.34 -3.31
N LEU B 298 -17.00 -38.38 -4.12
CA LEU B 298 -15.81 -37.61 -3.79
C LEU B 298 -16.02 -36.69 -2.58
N PRO B 299 -14.96 -36.48 -1.78
CA PRO B 299 -15.06 -35.68 -0.56
C PRO B 299 -15.39 -34.23 -0.86
N GLN B 300 -15.69 -33.46 0.19
CA GLN B 300 -16.06 -32.07 0.01
C GLN B 300 -14.93 -31.30 -0.66
N TRP B 301 -15.27 -30.21 -1.33
CA TRP B 301 -14.27 -29.34 -1.93
C TRP B 301 -13.70 -28.39 -0.86
N ASP B 302 -12.37 -28.27 -0.87
CA ASP B 302 -11.62 -27.29 -0.09
C ASP B 302 -10.68 -26.54 -1.04
N MET B 303 -10.48 -25.25 -0.80
CA MET B 303 -9.56 -24.47 -1.64
C MET B 303 -8.16 -25.07 -1.59
N CYS B 304 -7.73 -25.55 -0.43
CA CYS B 304 -6.48 -26.32 -0.36
C CYS B 304 -6.66 -27.63 0.39
N ASN B 305 -5.78 -28.57 0.10
CA ASN B 305 -5.71 -29.83 0.78
C ASN B 305 -4.49 -29.87 1.68
N PHE B 306 -4.73 -29.89 2.99
CA PHE B 306 -3.67 -30.03 3.98
C PHE B 306 -2.81 -31.28 3.74
N LEU B 307 -3.44 -32.41 3.40
CA LEU B 307 -2.69 -33.64 3.16
C LEU B 307 -1.64 -33.40 2.09
N VAL B 308 -2.10 -33.01 0.90
CA VAL B 308 -1.23 -32.71 -0.21
C VAL B 308 -0.08 -31.83 0.26
N ASN B 309 -0.42 -30.68 0.83
CA ASN B 309 0.60 -29.71 1.26
C ASN B 309 1.58 -30.30 2.27
N LEU B 310 1.07 -30.89 3.34
CA LEU B 310 1.93 -31.50 4.36
C LEU B 310 2.76 -32.67 3.85
N GLN B 311 2.22 -33.46 2.92
CA GLN B 311 2.95 -34.60 2.36
C GLN B 311 3.80 -34.26 1.13
N TYR B 312 3.90 -32.98 0.79
CA TYR B 312 4.54 -32.58 -0.47
C TYR B 312 6.04 -32.43 -0.33
N ARG B 313 6.77 -33.00 -1.27
CA ARG B 313 8.22 -33.02 -1.27
C ARG B 313 8.76 -32.04 -2.31
N ARG B 314 9.40 -30.98 -1.85
CA ARG B 314 9.91 -29.92 -2.71
C ARG B 314 11.34 -30.27 -3.14
N LEU B 315 11.57 -30.34 -4.45
CA LEU B 315 12.86 -30.79 -4.99
C LEU B 315 13.68 -29.69 -5.62
N TYR B 316 13.06 -28.91 -6.50
CA TYR B 316 13.76 -27.80 -7.13
C TYR B 316 13.85 -26.62 -6.19
N ARG B 317 15.06 -26.08 -6.10
CA ARG B 317 15.43 -25.01 -5.20
C ARG B 317 15.56 -23.67 -5.98
N SER B 318 15.54 -23.74 -7.31
CA SER B 318 15.65 -22.56 -8.16
C SER B 318 15.25 -22.92 -9.59
N MET B 319 14.56 -22.00 -10.26
CA MET B 319 14.08 -22.25 -11.63
C MET B 319 15.02 -21.66 -12.69
N ASN B 320 16.22 -21.26 -12.25
CA ASN B 320 17.24 -20.76 -13.16
C ASN B 320 17.51 -21.66 -14.37
N SER B 321 17.70 -22.96 -14.15
CA SER B 321 17.94 -23.88 -15.26
C SER B 321 16.78 -23.85 -16.24
N GLN B 322 15.59 -24.08 -15.71
CA GLN B 322 14.41 -24.27 -16.53
C GLN B 322 14.17 -23.07 -17.43
N TYR B 323 14.39 -21.88 -16.90
CA TYR B 323 14.11 -20.65 -17.64
C TYR B 323 15.14 -20.41 -18.74
N LEU B 324 16.42 -20.62 -18.43
CA LEU B 324 17.46 -20.55 -19.47
C LEU B 324 17.22 -21.61 -20.55
N LYS B 325 16.88 -22.81 -20.11
CA LYS B 325 16.54 -23.89 -21.02
C LYS B 325 15.33 -23.54 -21.91
N LEU B 326 14.40 -22.76 -21.38
CA LEU B 326 13.26 -22.30 -22.17
C LEU B 326 13.63 -21.08 -23.02
N LEU B 327 14.61 -20.31 -22.57
CA LEU B 327 15.03 -19.10 -23.28
C LEU B 327 15.97 -19.40 -24.42
N SER B 328 16.75 -20.48 -24.29
CA SER B 328 17.74 -20.84 -25.31
C SER B 328 17.09 -21.01 -26.68
N SER B 329 15.96 -21.72 -26.72
CA SER B 329 15.24 -21.95 -27.98
C SER B 329 14.81 -20.63 -28.61
N GLN B 330 14.36 -19.69 -27.79
CA GLN B 330 13.85 -18.39 -28.23
C GLN B 330 12.56 -18.44 -29.06
N LYS B 331 11.79 -19.50 -28.89
CA LYS B 331 10.46 -19.57 -29.47
C LYS B 331 9.44 -19.02 -28.48
N TYR B 332 9.85 -18.81 -27.22
CA TYR B 332 8.89 -18.63 -26.13
C TYR B 332 8.94 -17.23 -25.47
N GLN B 333 7.75 -16.63 -25.35
CA GLN B 333 7.58 -15.30 -24.76
C GLN B 333 7.19 -15.44 -23.26
N ILE B 334 8.08 -14.98 -22.37
CA ILE B 334 7.93 -15.22 -20.92
C ILE B 334 7.67 -13.93 -20.11
N LEU B 335 6.70 -13.99 -19.20
CA LEU B 335 6.40 -12.85 -18.30
C LEU B 335 6.35 -13.27 -16.83
N LEU B 336 7.07 -12.52 -16.00
CA LEU B 336 6.95 -12.65 -14.58
C LEU B 336 6.37 -11.34 -14.12
N TYR B 337 5.23 -11.42 -13.43
CA TYR B 337 4.61 -10.24 -12.85
C TYR B 337 4.38 -10.44 -11.36
N ASN B 338 4.42 -9.35 -10.62
CA ASN B 338 4.32 -9.41 -9.16
C ASN B 338 3.53 -8.24 -8.57
N GLY B 339 2.63 -8.53 -7.63
CA GLY B 339 2.06 -7.51 -6.79
C GLY B 339 3.10 -6.98 -5.83
N ASP B 340 3.26 -5.65 -5.79
CA ASP B 340 4.36 -5.07 -5.03
C ASP B 340 4.06 -4.81 -3.53
N VAL B 341 2.93 -5.29 -3.05
CA VAL B 341 2.66 -5.30 -1.61
C VAL B 341 2.44 -6.73 -1.06
N ASP B 342 2.87 -7.75 -1.82
CA ASP B 342 2.83 -9.13 -1.38
C ASP B 342 4.12 -9.52 -0.67
N MET B 343 3.98 -10.30 0.40
CA MET B 343 5.14 -10.77 1.16
C MET B 343 5.36 -12.27 1.07
N ALA B 344 4.37 -13.00 0.56
CA ALA B 344 4.55 -14.40 0.23
C ALA B 344 5.61 -14.60 -0.86
N CYS B 345 5.50 -13.87 -1.97
CA CYS B 345 6.50 -13.93 -3.07
C CYS B 345 6.84 -12.53 -3.56
N ASN B 346 7.60 -11.80 -2.76
CA ASN B 346 7.69 -10.37 -2.97
C ASN B 346 8.30 -10.02 -4.34
N PHE B 347 7.94 -8.86 -4.87
CA PHE B 347 8.32 -8.46 -6.24
C PHE B 347 9.84 -8.43 -6.47
N MET B 348 10.59 -8.02 -5.45
CA MET B 348 12.02 -7.85 -5.63
C MET B 348 12.72 -9.17 -5.85
N GLY B 349 12.32 -10.20 -5.10
CA GLY B 349 12.90 -11.53 -5.25
C GLY B 349 12.85 -11.96 -6.71
N ASP B 350 11.69 -11.80 -7.34
CA ASP B 350 11.56 -12.14 -8.75
C ASP B 350 12.28 -11.15 -9.67
N GLU B 351 12.32 -9.87 -9.31
CA GLU B 351 13.12 -8.93 -10.11
C GLU B 351 14.60 -9.33 -10.10
N TRP B 352 15.11 -9.71 -8.94
CA TRP B 352 16.47 -10.22 -8.82
C TRP B 352 16.64 -11.48 -9.64
N PHE B 353 15.66 -12.36 -9.56
CA PHE B 353 15.73 -13.62 -10.26
C PHE B 353 15.84 -13.40 -11.76
N VAL B 354 15.00 -12.51 -12.29
CA VAL B 354 15.00 -12.24 -13.72
C VAL B 354 16.30 -11.59 -14.12
N ASP B 355 16.66 -10.50 -13.44
CA ASP B 355 17.92 -9.78 -13.71
C ASP B 355 19.12 -10.74 -13.74
N SER B 356 19.13 -11.72 -12.84
CA SER B 356 20.23 -12.67 -12.77
C SER B 356 20.16 -13.78 -13.83
N LEU B 357 19.14 -13.79 -14.68
CA LEU B 357 19.16 -14.65 -15.85
C LEU B 357 20.15 -14.20 -16.94
N ASN B 358 20.63 -12.95 -16.88
CA ASN B 358 21.52 -12.38 -17.91
C ASN B 358 21.01 -12.62 -19.34
N GLN B 359 19.99 -11.87 -19.73
CA GLN B 359 19.48 -11.89 -21.09
C GLN B 359 19.79 -10.54 -21.70
N LYS B 360 19.63 -10.43 -23.01
CA LYS B 360 19.86 -9.16 -23.71
C LYS B 360 18.78 -8.16 -23.38
N MET B 361 19.16 -7.09 -22.67
CA MET B 361 18.21 -6.02 -22.34
C MET B 361 17.66 -5.43 -23.62
N GLU B 362 16.35 -5.24 -23.65
CA GLU B 362 15.70 -4.55 -24.76
C GLU B 362 15.20 -3.18 -24.30
N VAL B 363 14.02 -3.14 -23.68
CA VAL B 363 13.49 -1.88 -23.15
C VAL B 363 14.01 -1.68 -21.73
N GLN B 364 14.54 -0.48 -21.46
CA GLN B 364 15.01 -0.10 -20.13
C GLN B 364 13.81 0.00 -19.17
N ARG B 365 14.07 -0.03 -17.87
CA ARG B 365 12.99 -0.07 -16.87
C ARG B 365 12.18 1.22 -16.85
N ARG B 366 10.86 1.12 -17.00
CA ARG B 366 10.00 2.31 -17.01
C ARG B 366 8.62 2.02 -16.39
N PRO B 367 7.81 3.06 -16.18
CA PRO B 367 6.38 2.96 -15.87
C PRO B 367 5.58 2.26 -16.94
N TRP B 368 4.39 1.79 -16.60
CA TRP B 368 3.37 1.41 -17.59
C TRP B 368 1.99 1.81 -17.09
N LEU B 369 1.14 2.25 -18.01
CA LEU B 369 -0.08 2.96 -17.65
C LEU B 369 -1.37 2.17 -17.92
N VAL B 370 -2.43 2.62 -17.26
CA VAL B 370 -3.76 2.07 -17.45
C VAL B 370 -4.73 3.25 -17.43
N LYS B 371 -5.74 3.20 -18.28
CA LYS B 371 -6.75 4.25 -18.32
C LYS B 371 -7.90 3.85 -17.40
N TYR B 372 -8.28 4.73 -16.50
CA TYR B 372 -9.42 4.52 -15.62
C TYR B 372 -10.55 5.48 -15.95
N GLY B 373 -11.77 5.10 -15.56
CA GLY B 373 -12.94 5.97 -15.72
C GLY B 373 -12.82 7.21 -14.84
N ASP B 374 -12.75 8.37 -15.49
CA ASP B 374 -12.60 9.68 -14.84
C ASP B 374 -11.16 9.98 -14.38
N SER B 375 -10.52 9.02 -13.70
CA SER B 375 -9.15 9.19 -13.20
C SER B 375 -8.11 9.46 -14.27
N GLY B 376 -8.43 9.12 -15.53
CA GLY B 376 -7.47 9.27 -16.60
C GLY B 376 -6.41 8.20 -16.49
N GLU B 377 -5.26 8.46 -17.09
CA GLU B 377 -4.18 7.48 -17.07
C GLU B 377 -3.47 7.46 -15.71
N GLN B 378 -3.16 6.27 -15.24
CA GLN B 378 -2.40 6.10 -14.01
C GLN B 378 -1.27 5.12 -14.23
N ILE B 379 -0.34 5.15 -13.30
CA ILE B 379 0.76 4.20 -13.30
C ILE B 379 0.29 2.94 -12.63
N ALA B 380 0.25 1.86 -13.39
CA ALA B 380 -0.19 0.57 -12.86
C ALA B 380 0.97 -0.21 -12.24
N GLY B 381 2.17 0.08 -12.71
CA GLY B 381 3.40 -0.50 -12.15
C GLY B 381 4.60 -0.18 -13.03
N PHE B 382 5.66 -0.96 -12.87
CA PHE B 382 6.87 -0.77 -13.64
C PHE B 382 7.22 -2.03 -14.41
N VAL B 383 7.88 -1.85 -15.56
CA VAL B 383 8.25 -2.97 -16.44
C VAL B 383 9.68 -2.86 -17.00
N LYS B 384 10.38 -3.99 -17.02
CA LYS B 384 11.76 -4.10 -17.45
C LYS B 384 11.79 -5.23 -18.45
N GLU B 385 12.02 -4.94 -19.73
CA GLU B 385 11.99 -5.99 -20.76
C GLU B 385 13.39 -6.48 -21.17
N PHE B 386 13.51 -7.79 -21.37
CA PHE B 386 14.66 -8.43 -21.97
C PHE B 386 14.16 -9.21 -23.17
N SER B 387 15.09 -9.86 -23.85
CA SER B 387 14.77 -10.58 -25.05
C SER B 387 13.94 -11.80 -24.67
N HIS B 388 12.65 -11.79 -25.03
CA HIS B 388 11.71 -12.91 -24.74
C HIS B 388 11.27 -13.03 -23.28
N ILE B 389 11.81 -12.20 -22.40
CA ILE B 389 11.42 -12.25 -21.00
C ILE B 389 11.29 -10.86 -20.39
N ALA B 390 10.13 -10.60 -19.81
CA ALA B 390 9.81 -9.31 -19.19
C ALA B 390 9.54 -9.51 -17.72
N PHE B 391 9.99 -8.57 -16.91
CA PHE B 391 9.52 -8.50 -15.52
C PHE B 391 8.64 -7.27 -15.33
N LEU B 392 7.59 -7.41 -14.53
CA LEU B 392 6.62 -6.34 -14.43
C LEU B 392 5.91 -6.39 -13.08
N THR B 393 5.71 -5.22 -12.45
CA THR B 393 5.01 -5.13 -11.18
C THR B 393 3.62 -4.56 -11.34
N ILE B 394 2.78 -4.82 -10.35
CA ILE B 394 1.45 -4.21 -10.28
C ILE B 394 1.34 -3.44 -8.97
N LYS B 395 1.41 -2.12 -9.08
CA LYS B 395 1.52 -1.27 -7.92
C LYS B 395 0.28 -1.39 -7.07
N GLY B 396 0.47 -1.60 -5.77
CA GLY B 396 -0.62 -1.73 -4.83
C GLY B 396 -1.43 -3.01 -4.94
N ALA B 397 -0.87 -4.05 -5.57
CA ALA B 397 -1.54 -5.36 -5.65
C ALA B 397 -0.81 -6.39 -4.81
N GLY B 398 -1.57 -7.33 -4.27
CA GLY B 398 -1.01 -8.35 -3.42
C GLY B 398 -0.68 -9.61 -4.19
N HIS B 399 -0.68 -10.72 -3.45
CA HIS B 399 -0.34 -12.04 -3.97
C HIS B 399 -1.25 -12.44 -5.12
N MET B 400 -2.50 -11.95 -5.09
CA MET B 400 -3.48 -12.33 -6.10
C MET B 400 -3.87 -11.12 -6.89
N VAL B 401 -3.05 -10.84 -7.89
CA VAL B 401 -3.13 -9.65 -8.70
C VAL B 401 -4.51 -9.38 -9.26
N PRO B 402 -5.08 -10.34 -10.01
CA PRO B 402 -6.42 -10.11 -10.64
C PRO B 402 -7.55 -9.76 -9.66
N THR B 403 -7.41 -10.15 -8.38
CA THR B 403 -8.39 -9.79 -7.35
C THR B 403 -8.19 -8.34 -6.88
N ASP B 404 -6.96 -8.01 -6.52
CA ASP B 404 -6.64 -6.69 -6.04
C ASP B 404 -6.76 -5.62 -7.19
N LYS B 405 -6.29 -5.96 -8.40
CA LYS B 405 -6.28 -5.02 -9.54
C LYS B 405 -6.69 -5.74 -10.81
N PRO B 406 -7.99 -5.99 -10.99
CA PRO B 406 -8.44 -6.72 -12.18
C PRO B 406 -8.09 -6.00 -13.49
N LEU B 407 -8.39 -4.71 -13.58
CA LEU B 407 -8.22 -4.01 -14.85
C LEU B 407 -6.76 -4.01 -15.29
N ALA B 408 -5.87 -3.69 -14.36
CA ALA B 408 -4.44 -3.75 -14.62
C ALA B 408 -4.02 -5.16 -15.01
N ALA B 409 -4.56 -6.16 -14.33
CA ALA B 409 -4.24 -7.56 -14.62
C ALA B 409 -4.71 -7.97 -16.00
N PHE B 410 -5.87 -7.49 -16.41
CA PHE B 410 -6.41 -7.80 -17.73
C PHE B 410 -5.54 -7.14 -18.80
N THR B 411 -5.26 -5.85 -18.61
CA THR B 411 -4.44 -5.10 -19.54
C THR B 411 -3.10 -5.80 -19.78
N MET B 412 -2.43 -6.13 -18.69
CA MET B 412 -1.15 -6.80 -18.73
C MET B 412 -1.25 -8.05 -19.58
N PHE B 413 -2.24 -8.87 -19.25
CA PHE B 413 -2.49 -10.15 -19.89
C PHE B 413 -2.81 -9.99 -21.38
N SER B 414 -3.74 -9.10 -21.69
CA SER B 414 -4.07 -8.76 -23.08
C SER B 414 -2.86 -8.35 -23.91
N ARG B 415 -2.03 -7.48 -23.33
CA ARG B 415 -0.80 -7.04 -23.97
C ARG B 415 0.27 -8.14 -24.08
N PHE B 416 0.16 -9.14 -23.21
CA PHE B 416 1.08 -10.27 -23.20
C PHE B 416 0.66 -11.19 -24.33
N LEU B 417 -0.60 -11.62 -24.31
CA LEU B 417 -1.16 -12.47 -25.37
C LEU B 417 -0.90 -11.92 -26.76
N ASN B 418 -1.02 -10.61 -26.90
CA ASN B 418 -0.88 -9.95 -28.20
C ASN B 418 0.52 -9.44 -28.51
N LYS B 419 1.57 -10.07 -27.97
CA LYS B 419 2.96 -9.68 -28.26
C LYS B 419 3.18 -8.16 -28.30
N GLN B 420 2.46 -7.42 -27.47
CA GLN B 420 2.47 -5.95 -27.51
C GLN B 420 3.32 -5.36 -26.38
N PRO B 421 3.84 -4.12 -26.57
CA PRO B 421 4.55 -3.43 -25.50
C PRO B 421 3.58 -3.05 -24.37
N TYR B 422 4.03 -3.13 -23.12
CA TYR B 422 3.13 -2.99 -21.96
C TYR B 422 2.88 -1.52 -21.63
#